data_4C7K
#
_entry.id   4C7K
#
_cell.length_a   99.330
_cell.length_b   99.250
_cell.length_c   99.940
_cell.angle_alpha   90.00
_cell.angle_beta   90.00
_cell.angle_gamma   90.00
#
_symmetry.space_group_name_H-M   'P 21 21 21'
#
loop_
_entity.id
_entity.type
_entity.pdbx_description
1 polymer 'CORTICOSTEROID 11-BETA-DEHYDROGENASE ISOZYME 1'
2 non-polymer 'NADP NICOTINAMIDE-ADENINE-DINUCLEOTIDE PHOSPHATE'
3 non-polymer 2-ethyl-N-[(1S,3R)-5-oxidanyl-2-adamantyl]-4-[(2R)-oxolan-2-yl]-1,3-thiazole-5-carboxamide
4 water water
#
_entity_poly.entity_id   1
_entity_poly.type   'polypeptide(L)'
_entity_poly.pdbx_seq_one_letter_code
;NEEFRPEMLQGKKVIVTGASKGIGREMAYHLAKMGAHVVVTARSKETLQKVVSHCLELGAASAHYIAGTMEDMTFAEQFV
AQAGKLMGGLDMLILNHITNTSLNLFHDDIHHVRKSMEVNFLSYVVLTVAALPMLKQSNGSIVVVSSLAGKVAYPLVAAY
SASKFALDGFFSSIRKEYSVSRVNVSITLCVLGLIDTETAMKAVSGIVHMQAAPKEECALEIIKGGALRQEEVYYDSSRW
TTLLIRNPSRKILEELYSTSYNMDRFINK
;
_entity_poly.pdbx_strand_id   A,B,C,D
#
loop_
_chem_comp.id
_chem_comp.type
_chem_comp.name
_chem_comp.formula
DZL non-polymer 2-ethyl-N-[(1S,3R)-5-oxidanyl-2-adamantyl]-4-[(2R)-oxolan-2-yl]-1,3-thiazole-5-carboxamide 'C20 H28 N2 O3 S'
NAP non-polymer 'NADP NICOTINAMIDE-ADENINE-DINUCLEOTIDE PHOSPHATE' 'C21 H28 N7 O17 P3'
#
# COMPACT_ATOMS: atom_id res chain seq x y z
N GLU A 3 -13.56 15.05 35.38
CA GLU A 3 -12.66 16.17 35.62
C GLU A 3 -12.36 16.98 34.34
N PHE A 4 -13.12 16.73 33.27
CA PHE A 4 -12.95 17.52 32.06
C PHE A 4 -13.41 18.95 32.37
N ARG A 5 -12.72 19.93 31.80
CA ARG A 5 -13.03 21.35 31.93
C ARG A 5 -12.98 21.96 30.51
N PRO A 6 -14.04 22.63 30.00
CA PRO A 6 -13.98 23.17 28.62
C PRO A 6 -12.80 24.09 28.35
N GLU A 7 -12.24 24.67 29.44
CA GLU A 7 -11.07 25.56 29.46
C GLU A 7 -9.80 24.80 29.05
N MET A 8 -9.80 23.45 29.15
CA MET A 8 -8.68 22.60 28.73
C MET A 8 -8.37 22.80 27.23
N LEU A 9 -9.37 23.25 26.46
CA LEU A 9 -9.25 23.46 25.01
C LEU A 9 -9.08 24.94 24.57
N GLN A 10 -9.24 25.92 25.50
CA GLN A 10 -9.10 27.34 25.12
C GLN A 10 -7.70 27.63 24.60
N GLY A 11 -7.63 28.19 23.40
CA GLY A 11 -6.37 28.56 22.76
C GLY A 11 -5.53 27.41 22.23
N LYS A 12 -6.07 26.17 22.31
CA LYS A 12 -5.38 24.97 21.81
C LYS A 12 -5.49 24.95 20.31
N LYS A 13 -4.45 24.41 19.64
CA LYS A 13 -4.33 24.29 18.18
C LYS A 13 -4.72 22.89 17.75
N VAL A 14 -5.91 22.79 17.12
CA VAL A 14 -6.50 21.50 16.78
C VAL A 14 -6.79 21.35 15.31
N ILE A 15 -6.44 20.15 14.76
CA ILE A 15 -6.80 19.71 13.42
C ILE A 15 -7.97 18.72 13.59
N VAL A 16 -9.00 18.85 12.73
CA VAL A 16 -10.15 17.93 12.65
C VAL A 16 -10.33 17.49 11.19
N THR A 17 -10.13 16.21 10.91
CA THR A 17 -10.34 15.68 9.55
C THR A 17 -11.78 15.21 9.39
N GLY A 18 -12.25 15.08 8.15
CA GLY A 18 -13.64 14.72 7.88
C GLY A 18 -14.61 15.60 8.66
N ALA A 19 -14.32 16.90 8.69
CA ALA A 19 -15.08 17.86 9.49
C ALA A 19 -16.12 18.71 8.72
N SER A 20 -16.52 18.30 7.50
CA SER A 20 -17.54 19.05 6.76
C SER A 20 -18.95 18.66 7.17
N LYS A 21 -19.11 17.43 7.70
CA LYS A 21 -20.41 16.93 8.15
C LYS A 21 -20.21 15.88 9.23
N GLY A 22 -21.31 15.44 9.83
CA GLY A 22 -21.34 14.40 10.85
C GLY A 22 -20.63 14.69 12.14
N ILE A 23 -19.93 13.65 12.67
CA ILE A 23 -19.18 13.72 13.95
C ILE A 23 -18.04 14.78 13.85
N GLY A 24 -17.34 14.83 12.71
CA GLY A 24 -16.25 15.77 12.50
C GLY A 24 -16.71 17.21 12.63
N ARG A 25 -17.85 17.53 11.98
CA ARG A 25 -18.44 18.88 12.05
C ARG A 25 -18.86 19.21 13.49
N GLU A 26 -19.47 18.25 14.19
CA GLU A 26 -19.88 18.47 15.59
C GLU A 26 -18.66 18.73 16.47
N MET A 27 -17.54 18.03 16.25
CA MET A 27 -16.30 18.28 17.02
C MET A 27 -15.76 19.67 16.78
N ALA A 28 -15.75 20.15 15.51
CA ALA A 28 -15.27 21.49 15.17
C ALA A 28 -16.10 22.54 15.91
N TYR A 29 -17.46 22.40 15.95
CA TYR A 29 -18.39 23.30 16.65
C TYR A 29 -18.13 23.33 18.15
N HIS A 30 -17.92 22.15 18.74
CA HIS A 30 -17.59 22.06 20.17
C HIS A 30 -16.30 22.78 20.49
N LEU A 31 -15.23 22.53 19.68
CA LEU A 31 -13.92 23.16 19.87
C LEU A 31 -14.01 24.68 19.73
N ALA A 32 -14.84 25.13 18.78
CA ALA A 32 -15.08 26.55 18.52
C ALA A 32 -15.67 27.22 19.79
N LYS A 33 -16.67 26.56 20.41
CA LYS A 33 -17.37 27.02 21.61
C LYS A 33 -16.45 27.06 22.83
N MET A 34 -15.41 26.21 22.84
CA MET A 34 -14.40 26.12 23.88
C MET A 34 -13.26 27.14 23.69
N GLY A 35 -13.25 27.83 22.55
CA GLY A 35 -12.26 28.86 22.23
C GLY A 35 -10.95 28.37 21.65
N ALA A 36 -10.95 27.19 21.03
CA ALA A 36 -9.75 26.65 20.40
C ALA A 36 -9.49 27.30 19.04
N HIS A 37 -8.29 27.07 18.49
CA HIS A 37 -7.88 27.41 17.14
C HIS A 37 -8.19 26.14 16.36
N VAL A 38 -8.96 26.22 15.27
CA VAL A 38 -9.29 25.00 14.52
C VAL A 38 -8.92 25.11 13.05
N VAL A 39 -8.46 23.99 12.49
CA VAL A 39 -8.23 23.81 11.08
C VAL A 39 -8.98 22.54 10.70
N VAL A 40 -10.03 22.67 9.87
CA VAL A 40 -10.89 21.55 9.43
C VAL A 40 -10.53 21.14 7.99
N THR A 41 -10.76 19.87 7.64
CA THR A 41 -10.48 19.37 6.28
C THR A 41 -11.51 18.33 5.85
N ALA A 42 -11.73 18.25 4.52
CA ALA A 42 -12.63 17.36 3.80
C ALA A 42 -12.45 17.73 2.33
N ARG A 43 -13.13 17.04 1.41
CA ARG A 43 -13.03 17.37 -0.02
C ARG A 43 -13.88 18.61 -0.42
N SER A 44 -15.09 18.81 0.16
CA SER A 44 -15.97 19.95 -0.19
C SER A 44 -15.56 21.30 0.40
N LYS A 45 -14.89 22.14 -0.41
CA LYS A 45 -14.45 23.48 -0.05
C LYS A 45 -15.63 24.34 0.41
N GLU A 46 -16.77 24.26 -0.32
CA GLU A 46 -17.99 25.04 -0.01
C GLU A 46 -18.58 24.70 1.35
N THR A 47 -18.70 23.40 1.67
CA THR A 47 -19.23 22.94 2.95
C THR A 47 -18.29 23.32 4.07
N LEU A 48 -16.98 23.15 3.86
CA LEU A 48 -15.97 23.54 4.84
C LEU A 48 -16.03 25.05 5.16
N GLN A 49 -16.25 25.91 4.12
CA GLN A 49 -16.34 27.36 4.35
C GLN A 49 -17.50 27.70 5.30
N LYS A 50 -18.65 27.02 5.14
CA LYS A 50 -19.81 27.23 6.00
C LYS A 50 -19.53 26.82 7.44
N VAL A 51 -18.78 25.71 7.63
CA VAL A 51 -18.43 25.20 8.96
C VAL A 51 -17.48 26.19 9.68
N VAL A 52 -16.49 26.70 8.94
CA VAL A 52 -15.49 27.67 9.44
C VAL A 52 -16.16 28.95 9.89
N SER A 53 -17.20 29.39 9.14
CA SER A 53 -17.95 30.61 9.45
C SER A 53 -18.76 30.43 10.72
N HIS A 54 -19.38 29.24 10.88
CA HIS A 54 -20.16 28.99 12.09
C HIS A 54 -19.22 28.82 13.28
N CYS A 55 -18.01 28.28 13.04
CA CYS A 55 -16.97 28.11 14.07
C CYS A 55 -16.54 29.48 14.65
N LEU A 56 -16.40 30.49 13.78
CA LEU A 56 -16.04 31.84 14.22
C LEU A 56 -17.18 32.51 14.96
N GLU A 57 -18.43 32.24 14.53
CA GLU A 57 -19.66 32.69 15.16
C GLU A 57 -19.71 32.15 16.61
N LEU A 58 -19.39 30.84 16.77
CA LEU A 58 -19.41 30.12 18.04
C LEU A 58 -18.36 30.55 19.05
N GLY A 59 -17.32 31.26 18.60
CA GLY A 59 -16.30 31.77 19.52
C GLY A 59 -14.91 31.17 19.41
N ALA A 60 -14.57 30.53 18.25
CA ALA A 60 -13.23 29.97 18.03
C ALA A 60 -12.20 31.09 18.07
N ALA A 61 -10.99 30.82 18.65
CA ALA A 61 -9.86 31.74 18.67
C ALA A 61 -9.49 32.07 17.23
N SER A 62 -9.62 31.07 16.33
CA SER A 62 -9.45 31.18 14.87
C SER A 62 -9.94 29.89 14.22
N ALA A 63 -10.37 29.96 12.97
CA ALA A 63 -10.86 28.80 12.22
C ALA A 63 -10.50 28.96 10.74
N HIS A 64 -9.94 27.89 10.17
CA HIS A 64 -9.52 27.87 8.78
C HIS A 64 -9.81 26.49 8.20
N TYR A 65 -9.91 26.40 6.88
CA TYR A 65 -10.11 25.10 6.26
C TYR A 65 -9.12 24.87 5.14
N ILE A 66 -8.87 23.59 4.85
CA ILE A 66 -8.02 23.16 3.76
C ILE A 66 -8.77 22.02 3.07
N ALA A 67 -9.13 22.22 1.79
CA ALA A 67 -9.88 21.23 1.02
C ALA A 67 -8.98 20.27 0.23
N GLY A 68 -9.38 18.99 0.19
CA GLY A 68 -8.65 17.97 -0.56
C GLY A 68 -9.02 16.55 -0.17
N THR A 69 -8.52 15.56 -0.95
CA THR A 69 -8.81 14.15 -0.72
C THR A 69 -7.69 13.45 0.02
N MET A 70 -8.09 12.64 1.01
CA MET A 70 -7.16 11.86 1.79
C MET A 70 -6.72 10.60 1.03
N GLU A 71 -7.16 10.43 -0.23
CA GLU A 71 -6.68 9.36 -1.12
C GLU A 71 -5.28 9.79 -1.58
N ASP A 72 -5.02 11.12 -1.57
CA ASP A 72 -3.75 11.68 -2.00
C ASP A 72 -2.80 11.85 -0.80
N MET A 73 -1.75 11.01 -0.73
CA MET A 73 -0.78 11.07 0.39
C MET A 73 0.05 12.35 0.40
N THR A 74 0.26 13.00 -0.78
CA THR A 74 1.02 14.25 -0.81
C THR A 74 0.17 15.35 -0.17
N PHE A 75 -1.15 15.37 -0.47
CA PHE A 75 -2.11 16.31 0.12
C PHE A 75 -2.08 16.16 1.65
N ALA A 76 -2.13 14.91 2.17
CA ALA A 76 -2.11 14.64 3.61
C ALA A 76 -0.87 15.24 4.30
N GLU A 77 0.34 14.91 3.79
CA GLU A 77 1.63 15.38 4.32
C GLU A 77 1.66 16.91 4.39
N GLN A 78 1.40 17.57 3.23
CA GLN A 78 1.40 19.04 3.09
C GLN A 78 0.34 19.69 3.97
N PHE A 79 -0.83 19.03 4.08
CA PHE A 79 -1.94 19.54 4.88
C PHE A 79 -1.53 19.79 6.32
N VAL A 80 -0.86 18.80 6.93
CA VAL A 80 -0.45 18.98 8.32
C VAL A 80 0.49 20.19 8.46
N ALA A 81 1.44 20.33 7.51
CA ALA A 81 2.41 21.43 7.56
C ALA A 81 1.73 22.78 7.39
N GLN A 82 0.81 22.88 6.41
CA GLN A 82 0.05 24.10 6.12
C GLN A 82 -0.81 24.49 7.33
N ALA A 83 -1.54 23.52 7.93
CA ALA A 83 -2.40 23.76 9.09
C ALA A 83 -1.59 24.23 10.30
N GLY A 84 -0.46 23.55 10.58
CA GLY A 84 0.45 23.95 11.66
C GLY A 84 0.99 25.36 11.46
N LYS A 85 1.37 25.73 10.22
CA LYS A 85 1.88 27.08 9.94
C LYS A 85 0.80 28.16 10.13
N LEU A 86 -0.48 27.83 9.84
CA LEU A 86 -1.63 28.72 10.02
C LEU A 86 -1.88 28.99 11.52
N MET A 87 -1.66 27.97 12.39
CA MET A 87 -1.90 28.14 13.84
C MET A 87 -0.65 28.49 14.64
N GLY A 88 0.53 28.23 14.08
CA GLY A 88 1.77 28.49 14.80
C GLY A 88 2.09 27.37 15.77
N GLY A 89 1.69 26.16 15.38
CA GLY A 89 1.90 24.93 16.13
C GLY A 89 0.73 23.97 16.05
N LEU A 90 0.75 22.93 16.90
CA LEU A 90 -0.31 21.91 16.93
C LEU A 90 -0.34 21.22 18.28
N ASP A 91 -1.54 21.20 18.89
CA ASP A 91 -1.82 20.59 20.19
C ASP A 91 -2.54 19.26 20.12
N MET A 92 -3.51 19.14 19.21
CA MET A 92 -4.31 17.92 19.09
C MET A 92 -4.61 17.64 17.63
N LEU A 93 -4.38 16.40 17.22
CA LEU A 93 -4.65 15.91 15.88
C LEU A 93 -5.85 14.95 15.98
N ILE A 94 -7.01 15.37 15.44
CA ILE A 94 -8.23 14.51 15.42
C ILE A 94 -8.38 13.87 14.04
N LEU A 95 -8.16 12.56 13.97
CA LEU A 95 -8.22 11.75 12.74
C LEU A 95 -9.59 11.08 12.66
N ASN A 96 -10.48 11.60 11.76
CA ASN A 96 -11.87 11.15 11.73
C ASN A 96 -12.46 10.79 10.35
N HIS A 97 -11.89 11.27 9.23
CA HIS A 97 -12.38 10.94 7.90
C HIS A 97 -12.31 9.44 7.55
N ILE A 98 -13.21 9.02 6.69
CA ILE A 98 -13.26 7.66 6.12
C ILE A 98 -13.70 7.84 4.67
N THR A 99 -13.48 6.81 3.86
CA THR A 99 -13.97 6.78 2.50
C THR A 99 -15.40 6.30 2.53
N ASN A 100 -16.21 6.78 1.60
CA ASN A 100 -17.63 6.40 1.51
C ASN A 100 -17.80 4.87 1.41
N THR A 101 -18.65 4.31 2.28
CA THR A 101 -18.93 2.87 2.34
C THR A 101 -20.41 2.60 2.55
N SER A 102 -20.87 1.37 2.23
CA SER A 102 -22.27 0.93 2.38
C SER A 102 -22.36 -0.45 3.04
N LEU A 103 -23.56 -0.85 3.48
CA LEU A 103 -23.78 -2.17 4.06
C LEU A 103 -24.09 -3.13 2.93
N ASN A 104 -23.11 -4.00 2.61
CA ASN A 104 -23.16 -4.98 1.52
C ASN A 104 -22.21 -6.13 1.77
N LEU A 105 -22.57 -7.32 1.27
CA LEU A 105 -21.73 -8.51 1.41
C LEU A 105 -20.51 -8.33 0.52
N PHE A 106 -19.35 -8.78 0.99
CA PHE A 106 -18.12 -8.69 0.22
C PHE A 106 -18.26 -9.60 -1.00
N HIS A 107 -18.09 -9.01 -2.18
CA HIS A 107 -18.20 -9.73 -3.45
C HIS A 107 -16.75 -9.88 -3.96
N ASP A 108 -16.39 -9.30 -5.10
CA ASP A 108 -15.01 -9.39 -5.61
C ASP A 108 -14.41 -7.99 -5.45
N ASP A 109 -14.67 -7.31 -4.32
CA ASP A 109 -14.25 -5.93 -4.23
C ASP A 109 -12.91 -5.67 -3.56
N ILE A 110 -11.80 -6.08 -4.24
CA ILE A 110 -10.44 -5.73 -3.79
C ILE A 110 -10.34 -4.18 -3.83
N HIS A 111 -11.01 -3.55 -4.81
CA HIS A 111 -10.96 -2.10 -4.96
C HIS A 111 -11.41 -1.39 -3.68
N HIS A 112 -12.58 -1.78 -3.15
CA HIS A 112 -13.11 -1.14 -1.93
C HIS A 112 -12.22 -1.45 -0.73
N VAL A 113 -11.65 -2.67 -0.68
CA VAL A 113 -10.71 -3.03 0.38
C VAL A 113 -9.46 -2.13 0.30
N ARG A 114 -8.80 -2.01 -0.87
CA ARG A 114 -7.61 -1.17 -1.05
C ARG A 114 -7.90 0.30 -0.75
N LYS A 115 -8.95 0.87 -1.33
CA LYS A 115 -9.34 2.27 -1.11
C LYS A 115 -9.69 2.53 0.39
N SER A 116 -10.43 1.60 1.05
CA SER A 116 -10.70 1.75 2.50
C SER A 116 -9.40 1.72 3.30
N MET A 117 -8.47 0.81 2.95
CA MET A 117 -7.18 0.76 3.62
C MET A 117 -6.32 2.02 3.40
N GLU A 118 -6.32 2.57 2.19
CA GLU A 118 -5.51 3.77 1.92
C GLU A 118 -6.09 5.00 2.63
N VAL A 119 -7.41 5.19 2.50
CA VAL A 119 -8.06 6.36 3.07
C VAL A 119 -8.28 6.25 4.60
N ASN A 120 -8.81 5.13 5.09
CA ASN A 120 -9.14 4.99 6.52
C ASN A 120 -7.97 4.66 7.41
N PHE A 121 -6.89 4.13 6.84
CA PHE A 121 -5.74 3.73 7.65
C PHE A 121 -4.44 4.42 7.22
N LEU A 122 -3.98 4.21 5.96
CA LEU A 122 -2.69 4.79 5.57
C LEU A 122 -2.61 6.31 5.63
N SER A 123 -3.69 7.03 5.27
CA SER A 123 -3.68 8.49 5.36
C SER A 123 -3.50 8.97 6.81
N TYR A 124 -4.02 8.21 7.79
CA TYR A 124 -3.91 8.50 9.23
C TYR A 124 -2.46 8.38 9.68
N VAL A 125 -1.72 7.40 9.14
CA VAL A 125 -0.31 7.21 9.46
C VAL A 125 0.53 8.40 8.89
N VAL A 126 0.27 8.79 7.63
CA VAL A 126 0.97 9.88 6.96
C VAL A 126 0.74 11.20 7.73
N LEU A 127 -0.49 11.41 8.23
CA LEU A 127 -0.92 12.59 8.98
C LEU A 127 -0.18 12.63 10.32
N THR A 128 -0.07 11.47 11.01
CA THR A 128 0.68 11.32 12.26
C THR A 128 2.16 11.68 12.09
N VAL A 129 2.84 11.05 11.12
CA VAL A 129 4.28 11.27 10.82
C VAL A 129 4.54 12.79 10.61
N ALA A 130 3.66 13.41 9.78
CA ALA A 130 3.75 14.85 9.48
C ALA A 130 3.52 15.72 10.72
N ALA A 131 2.61 15.27 11.63
CA ALA A 131 2.21 16.02 12.83
C ALA A 131 3.08 15.84 14.06
N LEU A 132 3.80 14.71 14.13
CA LEU A 132 4.57 14.35 15.30
C LEU A 132 5.64 15.39 15.76
N PRO A 133 6.44 16.09 14.90
CA PRO A 133 7.39 17.09 15.45
C PRO A 133 6.69 18.19 16.28
N MET A 134 5.57 18.77 15.77
CA MET A 134 4.77 19.78 16.48
C MET A 134 4.08 19.22 17.72
N LEU A 135 3.57 17.97 17.64
CA LEU A 135 2.89 17.32 18.77
C LEU A 135 3.91 17.04 19.88
N LYS A 136 5.16 16.71 19.51
CA LYS A 136 6.28 16.51 20.43
C LYS A 136 6.65 17.84 21.16
N GLN A 137 6.68 18.96 20.41
CA GLN A 137 6.96 20.29 20.97
C GLN A 137 5.91 20.70 21.99
N SER A 138 4.66 20.39 21.71
CA SER A 138 3.55 20.78 22.56
C SER A 138 3.14 19.70 23.58
N ASN A 139 3.75 18.49 23.49
CA ASN A 139 3.39 17.31 24.28
C ASN A 139 1.86 17.09 24.12
N GLY A 140 1.46 17.14 22.84
CA GLY A 140 0.08 17.04 22.39
C GLY A 140 -0.53 15.65 22.38
N SER A 141 -1.62 15.52 21.64
CA SER A 141 -2.47 14.36 21.56
C SER A 141 -2.85 14.00 20.14
N ILE A 142 -3.01 12.69 19.91
CA ILE A 142 -3.53 12.14 18.65
C ILE A 142 -4.86 11.49 19.06
N VAL A 143 -5.95 11.82 18.34
CA VAL A 143 -7.29 11.28 18.58
C VAL A 143 -7.71 10.53 17.32
N VAL A 144 -7.88 9.22 17.47
CA VAL A 144 -8.19 8.28 16.39
C VAL A 144 -9.61 7.75 16.55
N VAL A 145 -10.47 8.19 15.65
CA VAL A 145 -11.87 7.80 15.64
C VAL A 145 -12.02 6.43 14.96
N SER A 146 -12.47 5.43 15.74
CA SER A 146 -12.67 4.07 15.28
C SER A 146 -14.13 3.69 15.45
N SER A 147 -14.41 2.40 15.68
CA SER A 147 -15.77 1.87 15.73
C SER A 147 -15.77 0.56 16.49
N LEU A 148 -16.97 0.14 16.95
CA LEU A 148 -17.19 -1.16 17.57
C LEU A 148 -16.80 -2.25 16.55
N ALA A 149 -16.99 -1.94 15.25
CA ALA A 149 -16.62 -2.82 14.14
C ALA A 149 -15.11 -2.88 13.93
N GLY A 150 -14.36 -2.10 14.73
CA GLY A 150 -12.91 -2.09 14.79
C GLY A 150 -12.41 -2.89 15.97
N LYS A 151 -13.33 -3.51 16.75
CA LYS A 151 -12.96 -4.31 17.93
C LYS A 151 -13.61 -5.69 17.89
N VAL A 152 -14.74 -5.78 17.19
CA VAL A 152 -15.59 -6.96 17.06
C VAL A 152 -16.02 -7.12 15.59
N ALA A 153 -16.36 -8.38 15.20
CA ALA A 153 -16.76 -8.80 13.86
C ALA A 153 -18.28 -8.71 13.62
N TYR A 154 -18.66 -7.97 12.56
CA TYR A 154 -20.02 -7.80 12.06
C TYR A 154 -20.03 -8.05 10.56
N PRO A 155 -21.09 -8.68 10.01
CA PRO A 155 -21.15 -8.89 8.55
C PRO A 155 -21.52 -7.57 7.87
N LEU A 156 -21.27 -7.45 6.53
CA LEU A 156 -21.59 -6.30 5.65
C LEU A 156 -20.63 -5.10 5.74
N VAL A 157 -19.54 -5.20 6.54
CA VAL A 157 -18.58 -4.09 6.71
C VAL A 157 -17.17 -4.66 6.70
N ALA A 158 -16.87 -5.69 5.85
CA ALA A 158 -15.55 -6.36 5.89
C ALA A 158 -14.33 -5.45 5.61
N ALA A 159 -14.33 -4.69 4.49
CA ALA A 159 -13.26 -3.74 4.13
C ALA A 159 -13.12 -2.67 5.23
N TYR A 160 -14.26 -2.11 5.68
CA TYR A 160 -14.30 -1.10 6.75
C TYR A 160 -13.70 -1.63 8.04
N SER A 161 -14.11 -2.84 8.46
CA SER A 161 -13.62 -3.51 9.67
C SER A 161 -12.12 -3.74 9.61
N ALA A 162 -11.62 -4.16 8.47
CA ALA A 162 -10.19 -4.37 8.29
C ALA A 162 -9.39 -3.07 8.57
N SER A 163 -9.84 -1.93 7.99
CA SER A 163 -9.18 -0.61 8.15
C SER A 163 -9.20 -0.13 9.61
N LYS A 164 -10.34 -0.35 10.29
CA LYS A 164 -10.52 0.04 11.68
C LYS A 164 -9.74 -0.88 12.61
N PHE A 165 -9.65 -2.20 12.31
CA PHE A 165 -8.81 -3.10 13.13
C PHE A 165 -7.33 -2.68 12.95
N ALA A 166 -6.92 -2.32 11.68
CA ALA A 166 -5.55 -1.85 11.35
C ALA A 166 -5.15 -0.62 12.23
N LEU A 167 -6.10 0.33 12.45
CA LEU A 167 -5.91 1.51 13.29
C LEU A 167 -5.52 1.14 14.71
N ASP A 168 -6.22 0.15 15.33
CA ASP A 168 -5.96 -0.30 16.69
C ASP A 168 -4.55 -0.89 16.76
N GLY A 169 -4.25 -1.79 15.83
CA GLY A 169 -2.94 -2.43 15.76
C GLY A 169 -1.84 -1.40 15.67
N PHE A 170 -1.90 -0.50 14.67
CA PHE A 170 -0.88 0.53 14.51
C PHE A 170 -0.74 1.46 15.71
N PHE A 171 -1.83 2.17 16.06
CA PHE A 171 -1.81 3.18 17.12
C PHE A 171 -1.54 2.65 18.51
N SER A 172 -2.01 1.43 18.86
CA SER A 172 -1.74 0.84 20.17
C SER A 172 -0.29 0.36 20.28
N SER A 173 0.31 -0.07 19.17
CA SER A 173 1.71 -0.47 19.16
C SER A 173 2.59 0.76 19.35
N ILE A 174 2.34 1.86 18.61
CA ILE A 174 3.18 3.07 18.76
C ILE A 174 2.95 3.71 20.14
N ARG A 175 1.74 3.55 20.75
CA ARG A 175 1.52 4.06 22.11
C ARG A 175 2.49 3.38 23.10
N LYS A 176 2.72 2.06 22.95
CA LYS A 176 3.66 1.28 23.75
C LYS A 176 5.07 1.80 23.54
N GLU A 177 5.43 2.17 22.28
CA GLU A 177 6.74 2.71 21.91
C GLU A 177 6.95 4.06 22.55
N TYR A 178 5.94 4.94 22.46
CA TYR A 178 6.00 6.29 23.05
C TYR A 178 6.14 6.21 24.57
N SER A 179 5.45 5.25 25.21
CA SER A 179 5.48 5.04 26.66
C SER A 179 6.87 4.64 27.11
N VAL A 180 7.58 3.82 26.30
CA VAL A 180 8.93 3.30 26.62
C VAL A 180 10.06 4.26 26.19
N SER A 181 9.84 5.07 25.12
CA SER A 181 10.84 6.05 24.64
C SER A 181 10.62 7.40 25.36
N ARG A 182 9.54 7.49 26.16
CA ARG A 182 9.15 8.64 26.96
C ARG A 182 8.79 9.86 26.10
N VAL A 183 8.04 9.58 25.02
CA VAL A 183 7.48 10.56 24.08
C VAL A 183 6.10 10.89 24.67
N ASN A 184 5.96 12.09 25.22
CA ASN A 184 4.70 12.43 25.86
C ASN A 184 3.66 12.99 24.85
N VAL A 185 3.24 12.11 23.93
CA VAL A 185 2.21 12.39 22.94
C VAL A 185 1.18 11.31 23.23
N SER A 186 -0.01 11.71 23.69
CA SER A 186 -1.05 10.73 24.02
C SER A 186 -1.77 10.25 22.76
N ILE A 187 -2.35 9.03 22.83
CA ILE A 187 -3.07 8.41 21.73
C ILE A 187 -4.38 7.91 22.27
N THR A 188 -5.47 8.46 21.73
CA THR A 188 -6.81 8.11 22.17
C THR A 188 -7.52 7.38 21.03
N LEU A 189 -7.89 6.08 21.24
CA LEU A 189 -8.62 5.30 20.23
C LEU A 189 -10.08 5.37 20.65
N CYS A 190 -10.98 5.87 19.77
CA CYS A 190 -12.40 6.04 20.10
C CYS A 190 -13.23 4.92 19.53
N VAL A 191 -13.87 4.09 20.38
CA VAL A 191 -14.68 2.96 19.95
C VAL A 191 -16.11 3.34 19.97
N LEU A 192 -16.64 3.62 18.77
CA LEU A 192 -18.00 4.12 18.65
C LEU A 192 -18.97 3.11 18.14
N GLY A 193 -20.14 3.11 18.74
CA GLY A 193 -21.27 2.33 18.28
C GLY A 193 -21.91 3.09 17.14
N LEU A 194 -23.11 2.67 16.71
CA LEU A 194 -23.84 3.33 15.64
C LEU A 194 -24.27 4.73 16.10
N ILE A 195 -23.95 5.78 15.30
CA ILE A 195 -24.21 7.21 15.62
C ILE A 195 -25.19 7.78 14.59
N ASP A 196 -26.08 8.69 15.02
CA ASP A 196 -27.15 9.24 14.18
C ASP A 196 -26.72 10.31 13.12
N THR A 197 -25.65 10.05 12.36
CA THR A 197 -25.24 10.96 11.28
C THR A 197 -26.12 10.66 10.05
N GLU A 198 -26.28 11.65 9.15
CA GLU A 198 -27.09 11.47 7.93
C GLU A 198 -26.56 10.24 7.12
N THR A 199 -25.22 10.06 7.07
CA THR A 199 -24.58 8.92 6.38
C THR A 199 -25.00 7.58 6.97
N ALA A 200 -24.81 7.41 8.29
CA ALA A 200 -25.15 6.18 8.98
C ALA A 200 -26.65 5.88 8.87
N MET A 201 -27.53 6.87 9.12
CA MET A 201 -28.99 6.70 9.02
C MET A 201 -29.46 6.27 7.62
N LYS A 202 -28.83 6.80 6.54
CA LYS A 202 -29.15 6.40 5.18
C LYS A 202 -28.65 4.98 4.92
N ALA A 203 -27.38 4.70 5.32
CA ALA A 203 -26.76 3.40 5.11
C ALA A 203 -27.45 2.25 5.80
N VAL A 204 -27.98 2.51 7.00
CA VAL A 204 -28.59 1.53 7.90
C VAL A 204 -30.11 1.30 7.67
N SER A 205 -30.79 2.18 6.91
CA SER A 205 -32.25 2.13 6.70
C SER A 205 -32.75 0.83 6.06
N GLY A 206 -33.67 0.17 6.76
CA GLY A 206 -34.27 -1.10 6.32
C GLY A 206 -33.36 -2.31 6.30
N ILE A 207 -32.13 -2.19 6.87
CA ILE A 207 -31.11 -3.24 6.95
C ILE A 207 -30.82 -3.53 8.43
N VAL A 208 -30.49 -2.49 9.21
CA VAL A 208 -30.12 -2.58 10.63
C VAL A 208 -31.20 -1.91 11.50
N HIS A 209 -31.49 -2.56 12.65
CA HIS A 209 -32.49 -2.16 13.63
C HIS A 209 -31.87 -1.93 15.01
N MET A 210 -30.83 -1.09 15.05
CA MET A 210 -30.13 -0.72 16.28
C MET A 210 -30.41 0.72 16.62
N GLN A 211 -30.28 1.08 17.89
CA GLN A 211 -30.47 2.47 18.27
C GLN A 211 -29.15 3.20 18.02
N ALA A 212 -29.23 4.36 17.35
CA ALA A 212 -28.05 5.18 17.09
C ALA A 212 -27.95 6.25 18.18
N ALA A 213 -26.72 6.59 18.59
CA ALA A 213 -26.48 7.57 19.63
C ALA A 213 -26.38 9.00 19.05
N PRO A 214 -26.65 10.10 19.84
CA PRO A 214 -26.55 11.46 19.27
C PRO A 214 -25.14 11.88 18.88
N LYS A 215 -24.99 12.46 17.65
CA LYS A 215 -23.68 12.87 17.11
C LYS A 215 -23.02 13.99 17.91
N GLU A 216 -23.80 14.86 18.55
CA GLU A 216 -23.29 16.01 19.33
C GLU A 216 -22.60 15.52 20.59
N GLU A 217 -23.28 14.63 21.32
CA GLU A 217 -22.79 14.02 22.55
C GLU A 217 -21.55 13.18 22.21
N CYS A 218 -21.61 12.41 21.11
CA CYS A 218 -20.49 11.57 20.63
C CYS A 218 -19.24 12.40 20.37
N ALA A 219 -19.41 13.56 19.68
CA ALA A 219 -18.33 14.49 19.39
C ALA A 219 -17.68 15.04 20.66
N LEU A 220 -18.49 15.39 21.69
CA LEU A 220 -18.02 15.90 22.96
C LEU A 220 -17.24 14.83 23.74
N GLU A 221 -17.74 13.57 23.74
CA GLU A 221 -17.04 12.45 24.43
C GLU A 221 -15.67 12.15 23.82
N ILE A 222 -15.51 12.34 22.50
CA ILE A 222 -14.21 12.14 21.84
C ILE A 222 -13.25 13.23 22.32
N ILE A 223 -13.69 14.51 22.28
CA ILE A 223 -12.86 15.67 22.71
C ILE A 223 -12.42 15.51 24.21
N LYS A 224 -13.37 15.07 25.06
CA LYS A 224 -13.10 14.83 26.48
C LYS A 224 -11.97 13.79 26.62
N GLY A 225 -12.10 12.66 25.91
CA GLY A 225 -11.13 11.59 25.92
C GLY A 225 -9.74 12.06 25.60
N GLY A 226 -9.64 12.84 24.52
CA GLY A 226 -8.39 13.44 24.07
C GLY A 226 -7.80 14.43 25.05
N ALA A 227 -8.63 15.31 25.62
CA ALA A 227 -8.15 16.32 26.58
C ALA A 227 -7.67 15.68 27.89
N LEU A 228 -8.31 14.58 28.31
CA LEU A 228 -7.91 13.81 29.49
C LEU A 228 -6.85 12.78 29.15
N ARG A 229 -6.43 12.70 27.88
CA ARG A 229 -5.37 11.77 27.42
C ARG A 229 -5.71 10.31 27.72
N GLN A 230 -6.97 9.98 27.56
CA GLN A 230 -7.48 8.63 27.83
C GLN A 230 -7.00 7.68 26.72
N GLU A 231 -6.57 6.46 27.05
CA GLU A 231 -6.14 5.53 25.97
C GLU A 231 -7.28 5.14 25.07
N GLU A 232 -8.47 4.86 25.64
CA GLU A 232 -9.62 4.51 24.82
C GLU A 232 -10.87 5.22 25.32
N VAL A 233 -11.78 5.54 24.39
CA VAL A 233 -13.10 6.13 24.66
C VAL A 233 -14.10 5.10 24.12
N TYR A 234 -15.12 4.77 24.89
CA TYR A 234 -16.16 3.83 24.47
C TYR A 234 -17.44 4.61 24.47
N TYR A 235 -18.11 4.71 23.31
CA TYR A 235 -19.35 5.47 23.22
C TYR A 235 -20.37 4.74 22.35
N ASP A 236 -21.40 4.22 23.01
CA ASP A 236 -22.48 3.47 22.37
C ASP A 236 -23.81 3.82 23.05
N SER A 237 -24.94 3.67 22.34
CA SER A 237 -26.27 3.95 22.88
C SER A 237 -26.67 3.01 24.01
N SER A 238 -26.23 1.72 23.93
CA SER A 238 -26.51 0.69 24.95
C SER A 238 -25.49 0.70 26.09
N ARG A 239 -25.99 0.64 27.34
CA ARG A 239 -25.13 0.57 28.53
C ARG A 239 -24.60 -0.86 28.69
N TRP A 240 -25.32 -1.86 28.14
CA TRP A 240 -24.95 -3.28 28.17
C TRP A 240 -23.74 -3.52 27.25
N THR A 241 -23.78 -2.96 26.02
CA THR A 241 -22.71 -3.05 25.02
C THR A 241 -21.41 -2.43 25.56
N THR A 242 -21.55 -1.28 26.23
CA THR A 242 -20.47 -0.52 26.84
C THR A 242 -19.80 -1.32 27.97
N LEU A 243 -20.54 -2.19 28.69
CA LEU A 243 -19.95 -3.00 29.78
C LEU A 243 -19.08 -4.17 29.27
N LEU A 244 -19.37 -4.66 28.05
CA LEU A 244 -18.72 -5.81 27.40
C LEU A 244 -17.56 -5.46 26.47
N ILE A 245 -17.41 -4.19 26.10
CA ILE A 245 -16.37 -3.77 25.14
C ILE A 245 -14.94 -3.92 25.72
N ARG A 246 -14.73 -3.60 27.02
CA ARG A 246 -13.41 -3.71 27.67
C ARG A 246 -12.82 -5.11 27.59
N ASN A 247 -11.52 -5.21 27.28
CA ASN A 247 -10.82 -6.50 27.16
C ASN A 247 -9.74 -6.58 28.27
N PRO A 248 -10.11 -7.02 29.50
CA PRO A 248 -9.10 -7.07 30.58
C PRO A 248 -7.97 -8.04 30.35
N SER A 249 -8.23 -9.15 29.63
CA SER A 249 -7.20 -10.13 29.33
C SER A 249 -6.12 -9.52 28.43
N ARG A 250 -6.52 -8.66 27.46
CA ARG A 250 -5.54 -7.97 26.60
C ARG A 250 -4.63 -7.07 27.45
N LYS A 251 -5.20 -6.32 28.42
CA LYS A 251 -4.41 -5.44 29.30
C LYS A 251 -3.39 -6.25 30.12
N ILE A 252 -3.78 -7.43 30.62
CA ILE A 252 -2.88 -8.32 31.37
C ILE A 252 -1.78 -8.88 30.43
N LEU A 253 -2.17 -9.34 29.23
CA LEU A 253 -1.27 -9.87 28.19
C LEU A 253 -0.21 -8.84 27.77
N GLU A 254 -0.61 -7.55 27.72
CA GLU A 254 0.29 -6.45 27.37
C GLU A 254 1.20 -6.11 28.53
N GLU A 255 0.64 -5.99 29.74
CA GLU A 255 1.35 -5.68 30.98
C GLU A 255 2.36 -6.77 31.36
N LEU A 256 2.09 -8.06 31.01
CA LEU A 256 2.98 -9.19 31.27
C LEU A 256 4.31 -9.01 30.52
N TYR A 257 4.23 -8.52 29.27
CA TYR A 257 5.37 -8.21 28.41
C TYR A 257 6.06 -6.91 28.93
N SER A 258 5.24 -5.88 29.25
CA SER A 258 5.65 -4.55 29.72
C SER A 258 6.45 -4.58 31.02
N THR A 259 5.96 -5.30 32.06
CA THR A 259 6.60 -5.45 33.38
C THR A 259 7.96 -6.12 33.27
N SER A 260 8.08 -7.14 32.39
CA SER A 260 9.32 -7.88 32.16
C SER A 260 9.96 -7.43 30.85
N GLU B 3 -9.91 -36.05 18.25
CA GLU B 3 -10.77 -35.69 17.13
C GLU B 3 -9.97 -35.66 15.81
N PHE B 4 -8.87 -34.87 15.73
CA PHE B 4 -8.02 -34.82 14.53
C PHE B 4 -7.37 -36.17 14.26
N ARG B 5 -7.26 -36.53 12.97
CA ARG B 5 -6.58 -37.71 12.42
C ARG B 5 -5.74 -37.21 11.23
N PRO B 6 -4.47 -37.66 11.02
CA PRO B 6 -3.71 -37.17 9.85
C PRO B 6 -4.35 -37.56 8.52
N GLU B 7 -5.20 -38.62 8.55
CA GLU B 7 -5.94 -39.17 7.42
C GLU B 7 -6.94 -38.17 6.84
N MET B 8 -7.27 -37.10 7.61
CA MET B 8 -8.15 -36.02 7.17
C MET B 8 -7.53 -35.21 6.03
N LEU B 9 -6.20 -35.29 5.86
CA LEU B 9 -5.51 -34.54 4.82
C LEU B 9 -5.14 -35.37 3.60
N GLN B 10 -5.34 -36.70 3.70
CA GLN B 10 -5.02 -37.62 2.62
C GLN B 10 -5.77 -37.30 1.33
N GLY B 11 -5.03 -37.01 0.25
CA GLY B 11 -5.60 -36.64 -1.04
C GLY B 11 -6.20 -35.24 -1.10
N LYS B 12 -6.08 -34.42 -0.01
CA LYS B 12 -6.58 -33.04 -0.02
C LYS B 12 -5.69 -32.18 -0.91
N LYS B 13 -6.26 -31.16 -1.59
CA LYS B 13 -5.52 -30.28 -2.51
C LYS B 13 -5.26 -28.98 -1.77
N VAL B 14 -3.99 -28.75 -1.40
CA VAL B 14 -3.63 -27.65 -0.50
C VAL B 14 -2.62 -26.69 -1.09
N ILE B 15 -2.88 -25.38 -0.96
CA ILE B 15 -1.93 -24.32 -1.30
C ILE B 15 -1.25 -23.90 0.02
N VAL B 16 0.10 -23.79 0.01
CA VAL B 16 0.86 -23.24 1.15
C VAL B 16 1.70 -22.06 0.63
N THR B 17 1.40 -20.82 1.08
CA THR B 17 2.22 -19.65 0.69
C THR B 17 3.35 -19.45 1.70
N GLY B 18 4.41 -18.75 1.29
CA GLY B 18 5.59 -18.54 2.15
C GLY B 18 6.13 -19.88 2.65
N ALA B 19 6.15 -20.87 1.75
CA ALA B 19 6.47 -22.24 2.12
C ALA B 19 7.87 -22.72 1.75
N SER B 20 8.80 -21.79 1.54
CA SER B 20 10.18 -22.12 1.20
C SER B 20 11.07 -22.27 2.44
N LYS B 21 10.64 -21.70 3.58
CA LYS B 21 11.34 -21.76 4.87
C LYS B 21 10.35 -21.60 6.03
N GLY B 22 10.87 -21.74 7.25
CA GLY B 22 10.15 -21.57 8.50
C GLY B 22 8.89 -22.40 8.65
N ILE B 23 7.84 -21.77 9.22
CA ILE B 23 6.51 -22.40 9.48
C ILE B 23 5.88 -22.94 8.19
N GLY B 24 5.92 -22.14 7.12
CA GLY B 24 5.38 -22.52 5.82
C GLY B 24 5.98 -23.80 5.27
N ARG B 25 7.32 -23.91 5.33
CA ARG B 25 8.02 -25.12 4.87
C ARG B 25 7.62 -26.32 5.73
N GLU B 26 7.53 -26.14 7.06
CA GLU B 26 7.14 -27.23 7.98
C GLU B 26 5.72 -27.69 7.70
N MET B 27 4.78 -26.78 7.36
CA MET B 27 3.40 -27.14 7.00
C MET B 27 3.39 -28.01 5.74
N ALA B 28 4.14 -27.60 4.70
CA ALA B 28 4.25 -28.36 3.44
C ALA B 28 4.74 -29.81 3.71
N TYR B 29 5.75 -29.97 4.57
CA TYR B 29 6.30 -31.26 4.96
C TYR B 29 5.29 -32.19 5.69
N HIS B 30 4.56 -31.67 6.68
CA HIS B 30 3.51 -32.38 7.41
C HIS B 30 2.42 -32.84 6.41
N LEU B 31 1.93 -31.92 5.54
CA LEU B 31 0.89 -32.24 4.54
C LEU B 31 1.37 -33.34 3.61
N ALA B 32 2.65 -33.28 3.21
CA ALA B 32 3.27 -34.27 2.33
C ALA B 32 3.26 -35.65 2.97
N LYS B 33 3.66 -35.74 4.25
CA LYS B 33 3.69 -37.00 5.01
C LYS B 33 2.27 -37.59 5.14
N MET B 34 1.26 -36.70 5.21
CA MET B 34 -0.17 -37.01 5.28
C MET B 34 -0.79 -37.43 3.91
N GLY B 35 0.01 -37.44 2.84
CA GLY B 35 -0.44 -37.85 1.52
C GLY B 35 -1.30 -36.83 0.82
N ALA B 36 -1.11 -35.55 1.16
CA ALA B 36 -1.84 -34.49 0.46
C ALA B 36 -1.21 -34.16 -0.89
N HIS B 37 -1.94 -33.40 -1.71
CA HIS B 37 -1.48 -32.77 -2.93
C HIS B 37 -1.06 -31.35 -2.47
N VAL B 38 0.18 -30.93 -2.73
CA VAL B 38 0.56 -29.58 -2.30
C VAL B 38 1.07 -28.73 -3.44
N VAL B 39 0.80 -27.41 -3.37
CA VAL B 39 1.34 -26.38 -4.22
C VAL B 39 1.92 -25.32 -3.29
N VAL B 40 3.24 -25.18 -3.37
CA VAL B 40 4.01 -24.24 -2.57
C VAL B 40 4.42 -23.00 -3.37
N THR B 41 4.53 -21.85 -2.67
CA THR B 41 4.99 -20.61 -3.27
C THR B 41 5.82 -19.79 -2.27
N ALA B 42 6.61 -18.86 -2.86
CA ALA B 42 7.55 -17.90 -2.27
C ALA B 42 8.30 -17.31 -3.47
N ARG B 43 9.24 -16.40 -3.22
CA ARG B 43 9.99 -15.79 -4.32
C ARG B 43 11.08 -16.67 -4.86
N SER B 44 11.83 -17.42 -3.99
CA SER B 44 12.99 -18.24 -4.40
C SER B 44 12.66 -19.58 -5.06
N LYS B 45 12.89 -19.67 -6.38
CA LYS B 45 12.62 -20.90 -7.11
C LYS B 45 13.56 -22.04 -6.69
N GLU B 46 14.80 -21.72 -6.30
CA GLU B 46 15.76 -22.75 -5.92
C GLU B 46 15.43 -23.34 -4.58
N THR B 47 14.95 -22.52 -3.66
CA THR B 47 14.57 -22.94 -2.30
C THR B 47 13.26 -23.74 -2.36
N LEU B 48 12.28 -23.28 -3.18
CA LEU B 48 10.99 -23.98 -3.39
C LEU B 48 11.21 -25.38 -4.01
N GLN B 49 12.13 -25.50 -5.00
CA GLN B 49 12.48 -26.76 -5.67
C GLN B 49 12.87 -27.79 -4.61
N LYS B 50 13.74 -27.40 -3.65
CA LYS B 50 14.19 -28.27 -2.57
C LYS B 50 13.03 -28.72 -1.70
N VAL B 51 12.07 -27.81 -1.42
CA VAL B 51 10.85 -28.12 -0.64
C VAL B 51 10.04 -29.17 -1.44
N VAL B 52 9.77 -28.91 -2.75
CA VAL B 52 9.01 -29.83 -3.63
C VAL B 52 9.65 -31.24 -3.62
N SER B 53 11.00 -31.33 -3.80
CA SER B 53 11.70 -32.62 -3.77
C SER B 53 11.46 -33.45 -2.50
N HIS B 54 11.59 -32.80 -1.34
CA HIS B 54 11.44 -33.45 -0.03
C HIS B 54 9.99 -33.85 0.24
N CYS B 55 9.00 -33.05 -0.25
CA CYS B 55 7.55 -33.33 -0.17
C CYS B 55 7.24 -34.64 -0.89
N LEU B 56 7.83 -34.84 -2.11
CA LEU B 56 7.66 -36.09 -2.86
C LEU B 56 8.27 -37.26 -2.11
N GLU B 57 9.46 -37.05 -1.53
CA GLU B 57 10.19 -38.04 -0.72
C GLU B 57 9.38 -38.42 0.52
N LEU B 58 8.68 -37.47 1.13
CA LEU B 58 7.88 -37.69 2.33
C LEU B 58 6.58 -38.43 2.07
N GLY B 59 6.15 -38.48 0.82
CA GLY B 59 4.94 -39.20 0.43
C GLY B 59 3.75 -38.38 -0.03
N ALA B 60 3.96 -37.16 -0.53
CA ALA B 60 2.87 -36.33 -1.07
C ALA B 60 2.24 -37.00 -2.29
N ALA B 61 0.90 -36.89 -2.46
CA ALA B 61 0.19 -37.44 -3.63
C ALA B 61 0.70 -36.79 -4.91
N SER B 62 1.05 -35.49 -4.81
CA SER B 62 1.70 -34.68 -5.84
C SER B 62 2.32 -33.47 -5.14
N ALA B 63 3.32 -32.82 -5.75
CA ALA B 63 3.91 -31.61 -5.22
C ALA B 63 4.40 -30.72 -6.35
N HIS B 64 4.05 -29.43 -6.31
CA HIS B 64 4.46 -28.44 -7.32
C HIS B 64 4.85 -27.11 -6.68
N TYR B 65 5.67 -26.32 -7.37
CA TYR B 65 6.04 -25.00 -6.92
C TYR B 65 5.81 -23.99 -8.01
N ILE B 66 5.42 -22.78 -7.62
CA ILE B 66 5.29 -21.59 -8.45
C ILE B 66 6.00 -20.48 -7.69
N ALA B 67 6.99 -19.85 -8.30
CA ALA B 67 7.76 -18.79 -7.66
C ALA B 67 7.23 -17.42 -8.06
N GLY B 68 7.29 -16.47 -7.13
CA GLY B 68 6.88 -15.11 -7.40
C GLY B 68 6.74 -14.27 -6.16
N THR B 69 6.56 -12.96 -6.34
CA THR B 69 6.38 -12.04 -5.20
C THR B 69 4.92 -11.68 -5.01
N MET B 70 4.47 -11.73 -3.76
CA MET B 70 3.11 -11.36 -3.42
C MET B 70 2.93 -9.83 -3.35
N GLU B 71 3.95 -9.03 -3.78
CA GLU B 71 3.83 -7.57 -3.94
C GLU B 71 3.09 -7.38 -5.24
N ASP B 72 3.11 -8.40 -6.12
CA ASP B 72 2.44 -8.41 -7.40
C ASP B 72 1.06 -9.13 -7.32
N MET B 73 -0.02 -8.32 -7.26
CA MET B 73 -1.41 -8.77 -7.17
C MET B 73 -1.85 -9.60 -8.39
N THR B 74 -1.23 -9.34 -9.57
CA THR B 74 -1.46 -10.07 -10.81
C THR B 74 -0.83 -11.46 -10.63
N PHE B 75 0.40 -11.53 -10.07
CA PHE B 75 0.99 -12.84 -9.77
C PHE B 75 0.07 -13.66 -8.80
N ALA B 76 -0.46 -13.01 -7.74
CA ALA B 76 -1.33 -13.64 -6.73
C ALA B 76 -2.57 -14.32 -7.34
N GLU B 77 -3.26 -13.61 -8.27
CA GLU B 77 -4.45 -14.09 -8.97
C GLU B 77 -4.12 -15.29 -9.83
N GLN B 78 -3.04 -15.16 -10.62
CA GLN B 78 -2.60 -16.15 -11.59
C GLN B 78 -2.07 -17.38 -10.93
N PHE B 79 -1.39 -17.22 -9.77
CA PHE B 79 -0.85 -18.31 -8.97
C PHE B 79 -1.95 -19.29 -8.55
N VAL B 80 -3.06 -18.79 -7.93
CA VAL B 80 -4.17 -19.63 -7.48
C VAL B 80 -4.76 -20.47 -8.67
N ALA B 81 -5.04 -19.80 -9.79
CA ALA B 81 -5.58 -20.39 -11.01
C ALA B 81 -4.66 -21.50 -11.54
N GLN B 82 -3.33 -21.26 -11.56
CA GLN B 82 -2.33 -22.24 -12.00
C GLN B 82 -2.25 -23.41 -11.00
N ALA B 83 -2.24 -23.12 -9.69
CA ALA B 83 -2.21 -24.13 -8.63
C ALA B 83 -3.42 -25.06 -8.72
N GLY B 84 -4.61 -24.46 -8.90
CA GLY B 84 -5.88 -25.17 -9.06
C GLY B 84 -5.85 -26.16 -10.20
N LYS B 85 -5.31 -25.75 -11.36
CA LYS B 85 -5.16 -26.59 -12.56
C LYS B 85 -4.19 -27.75 -12.29
N LEU B 86 -3.06 -27.46 -11.60
CA LEU B 86 -2.05 -28.45 -11.24
C LEU B 86 -2.61 -29.60 -10.41
N MET B 87 -3.53 -29.28 -9.47
CA MET B 87 -4.10 -30.27 -8.56
C MET B 87 -5.49 -30.79 -8.98
N GLY B 88 -6.15 -30.11 -9.90
CA GLY B 88 -7.50 -30.49 -10.30
C GLY B 88 -8.54 -30.07 -9.27
N GLY B 89 -8.27 -28.94 -8.64
CA GLY B 89 -9.12 -28.39 -7.60
C GLY B 89 -8.34 -27.83 -6.44
N LEU B 90 -9.07 -27.43 -5.39
CA LEU B 90 -8.50 -26.87 -4.17
C LEU B 90 -9.43 -27.11 -2.98
N ASP B 91 -8.87 -27.70 -1.90
CA ASP B 91 -9.58 -27.98 -0.65
C ASP B 91 -9.17 -27.03 0.44
N MET B 92 -7.88 -26.67 0.49
CA MET B 92 -7.38 -25.82 1.55
C MET B 92 -6.38 -24.79 1.04
N LEU B 93 -6.60 -23.51 1.45
CA LEU B 93 -5.71 -22.41 1.10
C LEU B 93 -5.03 -21.89 2.37
N ILE B 94 -3.71 -22.13 2.48
CA ILE B 94 -2.93 -21.69 3.65
C ILE B 94 -2.15 -20.43 3.29
N LEU B 95 -2.51 -19.32 3.94
CA LEU B 95 -1.96 -17.97 3.72
C LEU B 95 -0.99 -17.67 4.84
N ASN B 96 0.29 -17.70 4.53
CA ASN B 96 1.32 -17.65 5.55
C ASN B 96 2.46 -16.62 5.30
N HIS B 97 2.72 -16.25 4.05
CA HIS B 97 3.77 -15.29 3.72
C HIS B 97 3.56 -13.87 4.35
N ILE B 98 4.69 -13.20 4.64
CA ILE B 98 4.76 -11.81 5.06
C ILE B 98 5.92 -11.16 4.34
N THR B 99 5.95 -9.82 4.32
CA THR B 99 7.07 -9.06 3.78
C THR B 99 8.19 -9.12 4.85
N ASN B 100 9.46 -9.04 4.45
CA ASN B 100 10.58 -9.08 5.42
C ASN B 100 10.43 -7.96 6.45
N THR B 101 10.47 -8.31 7.76
CA THR B 101 10.24 -7.41 8.87
C THR B 101 11.30 -7.58 9.95
N SER B 102 11.75 -6.49 10.53
CA SER B 102 12.71 -6.49 11.64
C SER B 102 12.15 -5.67 12.80
N LEU B 103 12.71 -5.84 14.00
CA LEU B 103 12.25 -5.13 15.19
C LEU B 103 12.83 -3.71 15.19
N ASN B 104 11.96 -2.67 15.19
CA ASN B 104 12.41 -1.29 15.15
C ASN B 104 11.32 -0.39 15.66
N LEU B 105 11.73 0.72 16.30
CA LEU B 105 10.78 1.75 16.71
C LEU B 105 10.32 2.42 15.42
N PHE B 106 9.06 2.77 15.37
CA PHE B 106 8.49 3.46 14.22
C PHE B 106 8.90 4.92 14.22
N HIS B 107 9.28 5.42 13.05
CA HIS B 107 9.60 6.82 12.89
C HIS B 107 8.88 7.37 11.66
N ASP B 108 9.43 7.22 10.46
CA ASP B 108 8.77 7.78 9.29
C ASP B 108 8.76 6.79 8.12
N ASP B 109 8.76 5.47 8.40
CA ASP B 109 8.82 4.48 7.33
C ASP B 109 7.42 4.08 6.80
N ILE B 110 6.81 4.96 5.99
CA ILE B 110 5.50 4.76 5.33
C ILE B 110 5.66 3.69 4.26
N HIS B 111 6.88 3.59 3.70
CA HIS B 111 7.22 2.57 2.70
C HIS B 111 6.99 1.19 3.32
N HIS B 112 7.50 0.96 4.54
CA HIS B 112 7.30 -0.30 5.29
C HIS B 112 5.84 -0.50 5.71
N VAL B 113 5.10 0.59 6.06
CA VAL B 113 3.68 0.48 6.43
C VAL B 113 2.87 -0.01 5.23
N ARG B 114 3.05 0.65 4.07
CA ARG B 114 2.35 0.32 2.83
C ARG B 114 2.71 -1.09 2.34
N LYS B 115 4.01 -1.42 2.34
CA LYS B 115 4.48 -2.74 1.92
C LYS B 115 3.91 -3.85 2.82
N SER B 116 3.92 -3.63 4.17
CA SER B 116 3.35 -4.60 5.11
C SER B 116 1.85 -4.79 4.84
N MET B 117 1.13 -3.69 4.58
CA MET B 117 -0.30 -3.80 4.28
C MET B 117 -0.56 -4.47 2.92
N GLU B 118 0.29 -4.21 1.94
CA GLU B 118 0.09 -4.84 0.62
C GLU B 118 0.36 -6.33 0.66
N VAL B 119 1.56 -6.72 1.14
CA VAL B 119 1.98 -8.13 1.17
C VAL B 119 1.27 -8.97 2.26
N ASN B 120 1.19 -8.45 3.48
CA ASN B 120 0.67 -9.27 4.59
C ASN B 120 -0.83 -9.34 4.65
N PHE B 121 -1.54 -8.34 4.08
CA PHE B 121 -2.98 -8.26 4.17
C PHE B 121 -3.64 -8.25 2.80
N LEU B 122 -3.33 -7.25 1.93
CA LEU B 122 -4.00 -7.14 0.63
C LEU B 122 -3.87 -8.36 -0.26
N SER B 123 -2.67 -8.94 -0.36
CA SER B 123 -2.45 -10.15 -1.18
C SER B 123 -3.23 -11.35 -0.64
N TYR B 124 -3.51 -11.40 0.68
CA TYR B 124 -4.33 -12.49 1.26
C TYR B 124 -5.75 -12.42 0.72
N VAL B 125 -6.30 -11.18 0.61
CA VAL B 125 -7.64 -10.91 0.08
C VAL B 125 -7.73 -11.33 -1.39
N VAL B 126 -6.72 -10.92 -2.20
CA VAL B 126 -6.60 -11.22 -3.63
C VAL B 126 -6.57 -12.71 -3.83
N LEU B 127 -5.73 -13.42 -3.03
CA LEU B 127 -5.60 -14.86 -3.06
C LEU B 127 -6.92 -15.57 -2.68
N THR B 128 -7.64 -15.04 -1.69
CA THR B 128 -8.96 -15.51 -1.23
C THR B 128 -10.00 -15.36 -2.34
N VAL B 129 -10.07 -14.17 -2.99
CA VAL B 129 -11.04 -13.93 -4.07
C VAL B 129 -10.83 -14.94 -5.24
N ALA B 130 -9.55 -15.17 -5.61
CA ALA B 130 -9.15 -16.09 -6.67
C ALA B 130 -9.45 -17.57 -6.35
N ALA B 131 -9.37 -17.94 -5.07
CA ALA B 131 -9.58 -19.29 -4.55
C ALA B 131 -11.03 -19.64 -4.21
N LEU B 132 -11.88 -18.64 -3.95
CA LEU B 132 -13.25 -18.86 -3.49
C LEU B 132 -14.12 -19.77 -4.40
N PRO B 133 -14.15 -19.67 -5.76
CA PRO B 133 -14.99 -20.61 -6.54
C PRO B 133 -14.63 -22.08 -6.33
N MET B 134 -13.32 -22.41 -6.29
CA MET B 134 -12.84 -23.75 -6.02
C MET B 134 -13.13 -24.22 -4.60
N LEU B 135 -12.94 -23.32 -3.61
CA LEU B 135 -13.18 -23.66 -2.20
C LEU B 135 -14.68 -23.82 -1.95
N LYS B 136 -15.53 -23.04 -2.67
CA LYS B 136 -16.99 -23.13 -2.52
C LYS B 136 -17.46 -24.49 -3.04
N GLN B 137 -16.94 -24.93 -4.21
CA GLN B 137 -17.29 -26.19 -4.86
C GLN B 137 -16.84 -27.43 -4.04
N SER B 138 -15.70 -27.37 -3.32
CA SER B 138 -15.18 -28.44 -2.47
C SER B 138 -15.55 -28.30 -0.97
N ASN B 139 -16.31 -27.24 -0.59
CA ASN B 139 -16.63 -26.92 0.81
C ASN B 139 -15.33 -26.87 1.64
N GLY B 140 -14.36 -26.14 1.08
CA GLY B 140 -12.99 -25.99 1.57
C GLY B 140 -12.71 -25.15 2.80
N SER B 141 -11.43 -24.79 2.98
CA SER B 141 -10.94 -24.07 4.14
C SER B 141 -9.89 -23.03 3.80
N ILE B 142 -9.95 -21.88 4.50
CA ILE B 142 -8.97 -20.79 4.40
C ILE B 142 -8.26 -20.77 5.74
N VAL B 143 -6.92 -20.81 5.73
CA VAL B 143 -6.14 -20.78 6.96
C VAL B 143 -5.28 -19.52 6.94
N VAL B 144 -5.48 -18.64 7.92
CA VAL B 144 -4.79 -17.36 7.98
C VAL B 144 -3.83 -17.34 9.12
N VAL B 145 -2.54 -17.29 8.80
CA VAL B 145 -1.47 -17.25 9.80
C VAL B 145 -1.31 -15.82 10.29
N SER B 146 -1.60 -15.61 11.57
CA SER B 146 -1.47 -14.31 12.23
C SER B 146 -0.45 -14.38 13.38
N SER B 147 -0.63 -13.51 14.40
CA SER B 147 0.32 -13.35 15.48
C SER B 147 -0.41 -12.90 16.72
N LEU B 148 0.23 -13.07 17.88
CA LEU B 148 -0.26 -12.55 19.15
C LEU B 148 -0.26 -11.00 19.02
N ALA B 149 0.68 -10.45 18.23
CA ALA B 149 0.78 -9.03 17.94
C ALA B 149 -0.35 -8.56 16.98
N GLY B 150 -1.19 -9.51 16.53
CA GLY B 150 -2.39 -9.30 15.71
C GLY B 150 -3.66 -9.36 16.53
N LYS B 151 -3.54 -9.41 17.87
CA LYS B 151 -4.63 -9.44 18.85
C LYS B 151 -4.36 -8.51 20.05
N VAL B 152 -3.07 -8.24 20.29
CA VAL B 152 -2.55 -7.49 21.42
C VAL B 152 -1.43 -6.53 20.92
N ALA B 153 -1.17 -5.44 21.68
CA ALA B 153 -0.18 -4.42 21.30
C ALA B 153 1.15 -4.62 21.98
N TYR B 154 2.24 -4.60 21.19
CA TYR B 154 3.64 -4.67 21.60
C TYR B 154 4.41 -3.58 20.84
N PRO B 155 5.49 -3.02 21.43
CA PRO B 155 6.33 -2.08 20.67
C PRO B 155 7.23 -2.84 19.68
N LEU B 156 7.80 -2.12 18.70
CA LEU B 156 8.80 -2.55 17.68
C LEU B 156 8.22 -3.22 16.46
N VAL B 157 6.88 -3.35 16.40
CA VAL B 157 6.18 -4.06 15.32
C VAL B 157 4.89 -3.35 14.89
N ALA B 158 4.90 -2.02 14.79
CA ALA B 158 3.71 -1.24 14.48
C ALA B 158 3.09 -1.57 13.11
N ALA B 159 3.88 -1.47 12.03
CA ALA B 159 3.38 -1.78 10.68
C ALA B 159 2.90 -3.25 10.58
N TYR B 160 3.69 -4.18 11.15
CA TYR B 160 3.39 -5.61 11.22
C TYR B 160 2.05 -5.85 11.95
N SER B 161 1.88 -5.29 13.15
CA SER B 161 0.66 -5.44 13.94
C SER B 161 -0.57 -4.92 13.23
N ALA B 162 -0.45 -3.77 12.55
CA ALA B 162 -1.57 -3.19 11.81
C ALA B 162 -2.08 -4.16 10.75
N SER B 163 -1.16 -4.83 10.03
CA SER B 163 -1.51 -5.81 8.98
C SER B 163 -2.15 -7.08 9.54
N LYS B 164 -1.70 -7.51 10.73
CA LYS B 164 -2.26 -8.70 11.35
C LYS B 164 -3.59 -8.39 11.96
N PHE B 165 -3.77 -7.19 12.53
CA PHE B 165 -5.08 -6.79 13.07
C PHE B 165 -6.08 -6.67 11.88
N ALA B 166 -5.64 -6.10 10.74
CA ALA B 166 -6.44 -5.99 9.51
C ALA B 166 -6.96 -7.38 9.04
N LEU B 167 -6.14 -8.45 9.12
CA LEU B 167 -6.52 -9.82 8.78
C LEU B 167 -7.71 -10.28 9.66
N ASP B 168 -7.63 -10.03 10.98
CA ASP B 168 -8.69 -10.41 11.91
C ASP B 168 -9.99 -9.70 11.54
N GLY B 169 -9.93 -8.39 11.38
CA GLY B 169 -11.09 -7.59 11.00
C GLY B 169 -11.75 -8.05 9.73
N PHE B 170 -10.95 -8.28 8.69
CA PHE B 170 -11.47 -8.71 7.40
C PHE B 170 -12.00 -10.11 7.41
N PHE B 171 -11.17 -11.08 7.83
CA PHE B 171 -11.55 -12.48 7.76
C PHE B 171 -12.61 -12.87 8.77
N SER B 172 -12.68 -12.18 9.94
CA SER B 172 -13.72 -12.46 10.91
C SER B 172 -15.06 -11.91 10.44
N SER B 173 -15.06 -10.73 9.76
CA SER B 173 -16.27 -10.14 9.18
C SER B 173 -16.79 -11.02 8.05
N ILE B 174 -15.92 -11.53 7.15
CA ILE B 174 -16.36 -12.42 6.06
C ILE B 174 -16.91 -13.76 6.66
N ARG B 175 -16.33 -14.28 7.78
CA ARG B 175 -16.82 -15.51 8.43
C ARG B 175 -18.28 -15.31 8.89
N LYS B 176 -18.60 -14.12 9.44
CA LYS B 176 -19.99 -13.76 9.83
C LYS B 176 -20.86 -13.71 8.57
N GLU B 177 -20.35 -13.17 7.42
CA GLU B 177 -21.11 -13.13 6.16
C GLU B 177 -21.37 -14.55 5.62
N TYR B 178 -20.41 -15.47 5.80
CA TYR B 178 -20.61 -16.87 5.34
C TYR B 178 -21.64 -17.59 6.22
N SER B 179 -21.84 -17.09 7.43
CA SER B 179 -22.84 -17.61 8.36
C SER B 179 -24.25 -17.14 7.90
N VAL B 180 -24.34 -16.07 7.10
CA VAL B 180 -25.63 -15.60 6.62
C VAL B 180 -25.94 -16.15 5.21
N SER B 181 -24.91 -16.29 4.34
CA SER B 181 -25.09 -16.81 3.00
C SER B 181 -24.93 -18.35 2.97
N ARG B 182 -24.42 -18.91 4.09
CA ARG B 182 -24.21 -20.35 4.27
C ARG B 182 -23.21 -20.93 3.29
N VAL B 183 -22.15 -20.17 2.98
CA VAL B 183 -21.06 -20.60 2.13
C VAL B 183 -20.27 -21.58 2.98
N ASN B 184 -20.01 -22.79 2.48
CA ASN B 184 -19.34 -23.76 3.34
C ASN B 184 -17.86 -23.68 3.25
N VAL B 185 -17.34 -22.49 3.53
CA VAL B 185 -15.91 -22.28 3.51
C VAL B 185 -15.53 -21.86 4.91
N SER B 186 -14.67 -22.65 5.56
CA SER B 186 -14.27 -22.30 6.93
C SER B 186 -13.07 -21.38 6.88
N ILE B 187 -12.93 -20.58 7.93
CA ILE B 187 -11.82 -19.64 8.07
C ILE B 187 -11.21 -19.83 9.42
N THR B 188 -9.92 -20.18 9.43
CA THR B 188 -9.17 -20.37 10.66
C THR B 188 -8.11 -19.24 10.83
N LEU B 189 -8.21 -18.41 11.88
CA LEU B 189 -7.19 -17.39 12.17
C LEU B 189 -6.25 -17.98 13.20
N CYS B 190 -4.96 -18.08 12.88
CA CYS B 190 -3.96 -18.69 13.75
C CYS B 190 -3.20 -17.65 14.53
N VAL B 191 -3.36 -17.65 15.85
CA VAL B 191 -2.75 -16.66 16.76
C VAL B 191 -1.48 -17.28 17.35
N LEU B 192 -0.36 -16.92 16.76
CA LEU B 192 0.89 -17.50 17.20
C LEU B 192 1.75 -16.62 18.06
N GLY B 193 2.41 -17.23 19.05
CA GLY B 193 3.41 -16.53 19.83
C GLY B 193 4.72 -16.58 19.06
N LEU B 194 5.87 -16.29 19.71
CA LEU B 194 7.16 -16.36 19.04
C LEU B 194 7.51 -17.82 18.74
N ILE B 195 7.95 -18.08 17.49
CA ILE B 195 8.27 -19.42 17.00
C ILE B 195 9.75 -19.46 16.64
N ASP B 196 10.41 -20.61 16.91
CA ASP B 196 11.85 -20.80 16.69
C ASP B 196 12.29 -20.87 15.19
N THR B 197 11.75 -20.04 14.29
CA THR B 197 12.19 -20.04 12.89
C THR B 197 13.49 -19.23 12.82
N GLU B 198 14.35 -19.48 11.79
CA GLU B 198 15.61 -18.76 11.58
C GLU B 198 15.42 -17.24 11.51
N THR B 199 14.36 -16.76 10.84
CA THR B 199 14.03 -15.33 10.73
C THR B 199 13.83 -14.68 12.11
N ALA B 200 12.95 -15.29 12.93
CA ALA B 200 12.61 -14.78 14.25
C ALA B 200 13.78 -14.80 15.22
N MET B 201 14.57 -15.89 15.25
CA MET B 201 15.74 -15.99 16.15
C MET B 201 16.78 -14.89 15.82
N LYS B 202 17.07 -14.66 14.52
CA LYS B 202 17.96 -13.56 14.08
C LYS B 202 17.34 -12.18 14.41
N ALA B 203 16.02 -11.99 14.18
CA ALA B 203 15.35 -10.70 14.45
C ALA B 203 15.29 -10.31 15.94
N VAL B 204 15.00 -11.26 16.85
CA VAL B 204 14.89 -10.99 18.29
C VAL B 204 16.28 -10.82 19.00
N SER B 205 17.34 -11.37 18.39
CA SER B 205 18.71 -11.34 18.92
C SER B 205 19.15 -9.95 19.45
N GLY B 206 19.42 -9.90 20.74
CA GLY B 206 19.89 -8.70 21.44
C GLY B 206 18.84 -7.62 21.66
N ILE B 207 17.60 -7.86 21.20
CA ILE B 207 16.51 -6.89 21.33
C ILE B 207 15.46 -7.36 22.33
N VAL B 208 14.95 -8.57 22.13
CA VAL B 208 13.88 -9.15 22.92
C VAL B 208 14.27 -10.52 23.52
N HIS B 209 13.87 -10.75 24.79
CA HIS B 209 14.15 -12.00 25.49
C HIS B 209 12.85 -12.77 25.75
N MET B 210 12.42 -13.60 24.80
CA MET B 210 11.21 -14.40 25.00
C MET B 210 11.40 -15.83 24.52
N GLN B 211 10.67 -16.75 25.15
CA GLN B 211 10.73 -18.17 24.83
C GLN B 211 9.97 -18.43 23.53
N ALA B 212 10.67 -19.01 22.54
CA ALA B 212 10.08 -19.35 21.24
C ALA B 212 9.58 -20.79 21.33
N ALA B 213 8.45 -21.08 20.67
CA ALA B 213 7.87 -22.43 20.62
C ALA B 213 8.38 -23.14 19.36
N PRO B 214 8.37 -24.51 19.31
CA PRO B 214 8.91 -25.20 18.10
C PRO B 214 8.07 -25.07 16.83
N LYS B 215 8.76 -24.84 15.68
CA LYS B 215 8.11 -24.62 14.39
C LYS B 215 7.41 -25.86 13.80
N GLU B 216 7.91 -27.07 14.11
CA GLU B 216 7.30 -28.31 13.62
C GLU B 216 5.90 -28.52 14.25
N GLU B 217 5.81 -28.40 15.62
CA GLU B 217 4.53 -28.51 16.35
C GLU B 217 3.65 -27.32 16.00
N CYS B 218 4.24 -26.12 15.81
CA CYS B 218 3.44 -24.95 15.43
C CYS B 218 2.69 -25.25 14.13
N ALA B 219 3.43 -25.70 13.10
CA ALA B 219 2.92 -26.08 11.78
C ALA B 219 1.82 -27.11 11.86
N LEU B 220 2.04 -28.21 12.62
CA LEU B 220 1.03 -29.26 12.79
C LEU B 220 -0.25 -28.69 13.42
N GLU B 221 -0.10 -27.90 14.50
CA GLU B 221 -1.21 -27.25 15.19
C GLU B 221 -2.07 -26.39 14.23
N ILE B 222 -1.43 -25.75 13.26
CA ILE B 222 -2.11 -24.91 12.26
C ILE B 222 -2.95 -25.78 11.31
N ILE B 223 -2.34 -26.86 10.78
CA ILE B 223 -3.01 -27.79 9.88
C ILE B 223 -4.19 -28.45 10.62
N LYS B 224 -3.97 -28.85 11.89
CA LYS B 224 -5.04 -29.45 12.68
C LYS B 224 -6.28 -28.55 12.82
N GLY B 225 -6.09 -27.26 13.12
CA GLY B 225 -7.17 -26.28 13.27
C GLY B 225 -7.89 -26.05 11.96
N GLY B 226 -7.12 -26.06 10.86
CA GLY B 226 -7.66 -25.98 9.52
C GLY B 226 -8.54 -27.18 9.21
N ALA B 227 -8.01 -28.39 9.50
CA ALA B 227 -8.73 -29.66 9.27
C ALA B 227 -10.04 -29.75 10.07
N LEU B 228 -9.99 -29.35 11.35
CA LEU B 228 -11.13 -29.38 12.26
C LEU B 228 -12.06 -28.18 12.07
N ARG B 229 -11.73 -27.28 11.11
CA ARG B 229 -12.52 -26.10 10.75
C ARG B 229 -12.76 -25.19 11.99
N GLN B 230 -11.72 -25.01 12.81
CA GLN B 230 -11.80 -24.17 14.01
C GLN B 230 -11.70 -22.72 13.57
N GLU B 231 -12.38 -21.79 14.25
CA GLU B 231 -12.34 -20.39 13.89
C GLU B 231 -10.99 -19.79 14.26
N GLU B 232 -10.45 -20.18 15.43
CA GLU B 232 -9.16 -19.71 15.88
C GLU B 232 -8.30 -20.84 16.43
N VAL B 233 -7.00 -20.72 16.22
CA VAL B 233 -5.95 -21.64 16.70
C VAL B 233 -5.04 -20.76 17.51
N TYR B 234 -4.64 -21.22 18.69
CA TYR B 234 -3.71 -20.50 19.55
C TYR B 234 -2.50 -21.36 19.80
N TYR B 235 -1.30 -20.82 19.57
CA TYR B 235 -0.10 -21.60 19.81
C TYR B 235 0.96 -20.69 20.37
N ASP B 236 1.24 -20.83 21.66
CA ASP B 236 2.25 -20.02 22.36
C ASP B 236 2.97 -20.91 23.37
N SER B 237 4.24 -20.63 23.64
CA SER B 237 5.05 -21.40 24.59
C SER B 237 4.52 -21.35 26.05
N SER B 238 3.77 -20.28 26.42
CA SER B 238 3.20 -20.08 27.78
C SER B 238 1.75 -20.56 27.92
N ARG B 239 1.44 -21.15 29.09
CA ARG B 239 0.10 -21.65 29.41
C ARG B 239 -0.82 -20.49 29.78
N TRP B 240 -0.31 -19.50 30.57
CA TRP B 240 -1.02 -18.29 31.01
C TRP B 240 -1.52 -17.49 29.82
N THR B 241 -0.62 -17.18 28.87
CA THR B 241 -0.93 -16.41 27.65
C THR B 241 -1.98 -17.13 26.77
N THR B 242 -1.96 -18.48 26.71
CA THR B 242 -2.91 -19.30 25.94
C THR B 242 -4.33 -19.12 26.53
N LEU B 243 -4.45 -19.03 27.88
CA LEU B 243 -5.73 -18.79 28.56
C LEU B 243 -6.27 -17.39 28.29
N LEU B 244 -5.36 -16.38 28.29
CA LEU B 244 -5.68 -14.96 28.15
C LEU B 244 -5.92 -14.47 26.73
N ILE B 245 -5.55 -15.26 25.71
CA ILE B 245 -5.72 -14.83 24.32
C ILE B 245 -7.22 -14.83 23.91
N ARG B 246 -8.04 -15.72 24.51
CA ARG B 246 -9.47 -15.79 24.23
C ARG B 246 -10.17 -14.49 24.65
N ASN B 247 -11.08 -13.98 23.81
CA ASN B 247 -11.82 -12.76 24.10
C ASN B 247 -13.30 -13.12 24.19
N PRO B 248 -13.77 -13.55 25.38
CA PRO B 248 -15.17 -13.99 25.50
C PRO B 248 -16.18 -12.86 25.42
N SER B 249 -15.80 -11.65 25.83
CA SER B 249 -16.70 -10.50 25.71
C SER B 249 -17.02 -10.23 24.21
N ARG B 250 -16.01 -10.43 23.33
CA ARG B 250 -16.16 -10.26 21.88
C ARG B 250 -17.19 -11.25 21.31
N LYS B 251 -17.08 -12.54 21.68
CA LYS B 251 -18.01 -13.57 21.21
C LYS B 251 -19.43 -13.35 21.73
N ILE B 252 -19.61 -12.79 22.98
CA ILE B 252 -20.93 -12.44 23.53
C ILE B 252 -21.50 -11.31 22.68
N LEU B 253 -20.71 -10.24 22.50
CA LEU B 253 -21.04 -9.05 21.72
C LEU B 253 -21.40 -9.43 20.29
N GLU B 254 -20.68 -10.40 19.68
CA GLU B 254 -20.95 -10.89 18.33
C GLU B 254 -22.24 -11.71 18.24
N GLU B 255 -22.40 -12.71 19.15
CA GLU B 255 -23.58 -13.59 19.22
C GLU B 255 -24.86 -12.82 19.56
N LEU B 256 -24.76 -11.82 20.46
CA LEU B 256 -25.88 -10.96 20.86
C LEU B 256 -26.36 -10.11 19.69
N TYR B 257 -25.51 -9.94 18.66
CA TYR B 257 -25.82 -9.19 17.45
C TYR B 257 -26.44 -10.10 16.38
N SER B 258 -26.04 -11.41 16.36
CA SER B 258 -26.45 -12.46 15.41
C SER B 258 -27.97 -12.73 15.33
N THR B 259 -28.72 -11.69 14.97
CA THR B 259 -30.17 -11.61 14.80
C THR B 259 -30.44 -10.78 13.53
N SER B 260 -31.73 -10.67 13.10
CA SER B 260 -32.21 -9.92 11.93
C SER B 260 -31.69 -10.47 10.59
N GLU C 3 -22.86 18.31 -5.61
CA GLU C 3 -23.94 18.47 -6.58
C GLU C 3 -24.69 17.14 -6.81
N PHE C 4 -23.94 16.05 -7.16
CA PHE C 4 -24.55 14.72 -7.41
C PHE C 4 -25.11 14.08 -6.14
N ARG C 5 -26.29 13.50 -6.26
CA ARG C 5 -26.97 12.79 -5.17
C ARG C 5 -27.38 11.41 -5.70
N PRO C 6 -27.08 10.31 -4.96
CA PRO C 6 -27.50 8.97 -5.45
C PRO C 6 -29.03 8.77 -5.52
N GLU C 7 -29.80 9.74 -5.03
CA GLU C 7 -31.26 9.74 -5.02
C GLU C 7 -31.83 10.03 -6.40
N MET C 8 -31.05 10.75 -7.26
CA MET C 8 -31.41 11.13 -8.63
C MET C 8 -31.65 9.92 -9.52
N LEU C 9 -31.07 8.75 -9.16
CA LEU C 9 -31.19 7.51 -9.94
C LEU C 9 -32.27 6.54 -9.44
N GLN C 10 -32.80 6.76 -8.22
CA GLN C 10 -33.87 5.93 -7.63
C GLN C 10 -35.12 5.91 -8.57
N GLY C 11 -35.58 4.71 -8.94
CA GLY C 11 -36.74 4.54 -9.81
C GLY C 11 -36.57 4.90 -11.28
N LYS C 12 -35.33 5.21 -11.72
CA LYS C 12 -35.11 5.53 -13.14
C LYS C 12 -35.03 4.25 -13.98
N LYS C 13 -35.57 4.30 -15.21
CA LYS C 13 -35.56 3.15 -16.14
C LYS C 13 -34.32 3.26 -17.02
N VAL C 14 -33.28 2.48 -16.69
CA VAL C 14 -31.99 2.58 -17.37
C VAL C 14 -31.62 1.33 -18.14
N ILE C 15 -31.11 1.52 -19.38
CA ILE C 15 -30.58 0.44 -20.22
C ILE C 15 -29.06 0.51 -20.13
N VAL C 16 -28.41 -0.67 -20.00
CA VAL C 16 -26.96 -0.75 -20.00
C VAL C 16 -26.61 -1.84 -20.97
N THR C 17 -25.99 -1.44 -22.07
CA THR C 17 -25.52 -2.38 -23.08
C THR C 17 -24.15 -2.85 -22.63
N GLY C 18 -23.71 -4.00 -23.12
CA GLY C 18 -22.44 -4.60 -22.72
C GLY C 18 -22.26 -4.64 -21.22
N ALA C 19 -23.35 -4.96 -20.48
CA ALA C 19 -23.37 -4.98 -19.02
C ALA C 19 -23.15 -6.35 -18.37
N SER C 20 -22.63 -7.32 -19.15
CA SER C 20 -22.36 -8.63 -18.57
C SER C 20 -21.03 -8.63 -17.84
N LYS C 21 -20.15 -7.66 -18.18
CA LYS C 21 -18.83 -7.52 -17.59
C LYS C 21 -18.25 -6.11 -17.70
N GLY C 22 -17.08 -5.90 -17.09
CA GLY C 22 -16.35 -4.63 -17.11
C GLY C 22 -17.11 -3.43 -16.59
N ILE C 23 -16.96 -2.27 -17.28
CA ILE C 23 -17.55 -0.97 -16.95
C ILE C 23 -19.11 -1.06 -16.88
N GLY C 24 -19.74 -1.70 -17.88
CA GLY C 24 -21.19 -1.89 -17.94
C GLY C 24 -21.78 -2.59 -16.72
N ARG C 25 -21.15 -3.71 -16.30
CA ARG C 25 -21.56 -4.50 -15.13
C ARG C 25 -21.45 -3.64 -13.88
N GLU C 26 -20.32 -2.91 -13.75
CA GLU C 26 -20.07 -1.99 -12.63
C GLU C 26 -21.11 -0.87 -12.62
N MET C 27 -21.55 -0.41 -13.82
CA MET C 27 -22.58 0.62 -13.92
C MET C 27 -23.91 0.09 -13.43
N ALA C 28 -24.30 -1.12 -13.86
CA ALA C 28 -25.54 -1.78 -13.40
C ALA C 28 -25.52 -2.02 -11.88
N TYR C 29 -24.36 -2.43 -11.32
CA TYR C 29 -24.19 -2.63 -9.86
C TYR C 29 -24.34 -1.29 -9.11
N HIS C 30 -23.80 -0.19 -9.67
CA HIS C 30 -23.93 1.15 -9.06
C HIS C 30 -25.37 1.63 -9.10
N LEU C 31 -26.01 1.47 -10.27
CA LEU C 31 -27.41 1.86 -10.50
C LEU C 31 -28.34 1.10 -9.57
N ALA C 32 -28.06 -0.20 -9.35
CA ALA C 32 -28.79 -1.09 -8.45
C ALA C 32 -28.68 -0.67 -6.98
N LYS C 33 -27.48 -0.21 -6.57
CA LYS C 33 -27.19 0.28 -5.22
C LYS C 33 -27.96 1.58 -4.98
N MET C 34 -28.28 2.29 -6.07
CA MET C 34 -29.02 3.55 -6.04
C MET C 34 -30.55 3.34 -6.12
N GLY C 35 -30.96 2.11 -6.47
CA GLY C 35 -32.37 1.72 -6.57
C GLY C 35 -33.06 1.98 -7.90
N ALA C 36 -32.32 1.90 -9.01
CA ALA C 36 -32.90 2.10 -10.34
C ALA C 36 -33.45 0.79 -10.89
N HIS C 37 -34.16 0.86 -12.02
CA HIS C 37 -34.68 -0.28 -12.77
C HIS C 37 -33.68 -0.51 -13.89
N VAL C 38 -33.21 -1.75 -14.08
CA VAL C 38 -32.21 -1.96 -15.12
C VAL C 38 -32.55 -3.08 -16.10
N VAL C 39 -32.17 -2.88 -17.36
CA VAL C 39 -32.26 -3.88 -18.42
C VAL C 39 -30.86 -3.94 -18.95
N VAL C 40 -30.25 -5.12 -18.81
CA VAL C 40 -28.88 -5.35 -19.21
C VAL C 40 -28.80 -6.21 -20.48
N THR C 41 -27.79 -5.97 -21.32
CA THR C 41 -27.62 -6.76 -22.53
C THR C 41 -26.14 -7.05 -22.81
N ALA C 42 -25.93 -8.12 -23.56
CA ALA C 42 -24.67 -8.70 -24.05
C ALA C 42 -25.09 -9.95 -24.86
N ARG C 43 -24.14 -10.82 -25.26
CA ARG C 43 -24.44 -12.05 -26.01
C ARG C 43 -24.58 -13.29 -25.08
N SER C 44 -23.96 -13.28 -23.86
CA SER C 44 -24.00 -14.41 -22.91
C SER C 44 -25.16 -14.34 -21.93
N LYS C 45 -26.15 -15.25 -22.06
CA LYS C 45 -27.31 -15.33 -21.17
C LYS C 45 -26.93 -15.75 -19.74
N GLU C 46 -25.92 -16.64 -19.61
CA GLU C 46 -25.37 -17.16 -18.36
C GLU C 46 -24.76 -16.05 -17.52
N THR C 47 -23.92 -15.20 -18.17
CA THR C 47 -23.23 -14.10 -17.53
C THR C 47 -24.21 -12.98 -17.15
N LEU C 48 -25.19 -12.69 -18.03
CA LEU C 48 -26.23 -11.68 -17.80
C LEU C 48 -27.16 -12.05 -16.63
N GLN C 49 -27.43 -13.35 -16.43
CA GLN C 49 -28.27 -13.83 -15.33
C GLN C 49 -27.60 -13.52 -13.98
N LYS C 50 -26.26 -13.72 -13.91
CA LYS C 50 -25.44 -13.46 -12.73
C LYS C 50 -25.50 -11.98 -12.34
N VAL C 51 -25.46 -11.07 -13.34
CA VAL C 51 -25.57 -9.61 -13.16
C VAL C 51 -26.91 -9.22 -12.53
N VAL C 52 -28.01 -9.77 -13.09
CA VAL C 52 -29.37 -9.51 -12.63
C VAL C 52 -29.54 -9.91 -11.16
N SER C 53 -29.10 -11.16 -10.82
CA SER C 53 -29.14 -11.73 -9.47
C SER C 53 -28.46 -10.80 -8.48
N HIS C 54 -27.20 -10.38 -8.77
CA HIS C 54 -26.44 -9.49 -7.92
C HIS C 54 -27.08 -8.10 -7.82
N CYS C 55 -27.64 -7.57 -8.94
CA CYS C 55 -28.35 -6.28 -8.96
C CYS C 55 -29.52 -6.27 -7.95
N LEU C 56 -30.26 -7.40 -7.86
CA LEU C 56 -31.38 -7.53 -6.92
C LEU C 56 -30.90 -7.52 -5.46
N GLU C 57 -29.74 -8.14 -5.19
CA GLU C 57 -29.09 -8.21 -3.86
C GLU C 57 -28.64 -6.83 -3.40
N LEU C 58 -28.13 -6.00 -4.33
CA LEU C 58 -27.66 -4.64 -4.04
C LEU C 58 -28.78 -3.64 -3.74
N GLY C 59 -30.01 -3.96 -4.13
CA GLY C 59 -31.17 -3.10 -3.89
C GLY C 59 -31.79 -2.45 -5.12
N ALA C 60 -31.72 -3.12 -6.28
CA ALA C 60 -32.32 -2.63 -7.52
C ALA C 60 -33.83 -2.75 -7.41
N ALA C 61 -34.56 -1.78 -8.00
CA ALA C 61 -36.02 -1.78 -8.00
C ALA C 61 -36.57 -2.87 -8.94
N SER C 62 -35.81 -3.20 -10.00
CA SER C 62 -36.09 -4.25 -10.97
C SER C 62 -34.83 -4.52 -11.77
N ALA C 63 -34.66 -5.76 -12.24
CA ALA C 63 -33.49 -6.14 -13.02
C ALA C 63 -33.87 -7.20 -14.03
N HIS C 64 -33.52 -6.97 -15.31
CA HIS C 64 -33.84 -7.86 -16.43
C HIS C 64 -32.72 -7.95 -17.45
N TYR C 65 -32.70 -9.04 -18.26
CA TYR C 65 -31.71 -9.23 -19.31
C TYR C 65 -32.28 -9.72 -20.65
N ILE C 66 -31.68 -9.27 -21.77
CA ILE C 66 -32.02 -9.69 -23.14
C ILE C 66 -30.69 -9.99 -23.84
N ALA C 67 -30.41 -11.27 -24.11
CA ALA C 67 -29.16 -11.68 -24.76
C ALA C 67 -29.24 -11.65 -26.30
N GLY C 68 -28.16 -11.20 -26.94
CA GLY C 68 -28.03 -11.13 -28.39
C GLY C 68 -26.85 -10.32 -28.87
N THR C 69 -26.56 -10.41 -30.19
CA THR C 69 -25.40 -9.70 -30.77
C THR C 69 -25.76 -8.38 -31.45
N MET C 70 -24.97 -7.33 -31.14
CA MET C 70 -25.12 -5.99 -31.74
C MET C 70 -24.51 -5.91 -33.16
N GLU C 71 -24.05 -7.06 -33.71
CA GLU C 71 -23.58 -7.21 -35.08
C GLU C 71 -24.85 -7.18 -35.94
N ASP C 72 -25.97 -7.47 -35.28
CA ASP C 72 -27.31 -7.55 -35.85
C ASP C 72 -28.09 -6.31 -35.50
N MET C 73 -28.29 -5.43 -36.51
CA MET C 73 -29.06 -4.19 -36.39
C MET C 73 -30.54 -4.47 -36.10
N THR C 74 -31.07 -5.62 -36.58
CA THR C 74 -32.47 -6.00 -36.34
C THR C 74 -32.65 -6.34 -34.87
N PHE C 75 -31.70 -7.10 -34.29
CA PHE C 75 -31.72 -7.44 -32.86
C PHE C 75 -31.69 -6.14 -32.00
N ALA C 76 -30.88 -5.15 -32.40
CA ALA C 76 -30.72 -3.89 -31.67
C ALA C 76 -31.99 -3.05 -31.61
N GLU C 77 -32.68 -2.94 -32.77
CA GLU C 77 -33.95 -2.24 -32.96
C GLU C 77 -34.98 -2.86 -32.02
N GLN C 78 -35.11 -4.20 -32.09
CA GLN C 78 -36.02 -4.99 -31.28
C GLN C 78 -35.68 -4.94 -29.78
N PHE C 79 -34.36 -4.97 -29.43
CA PHE C 79 -33.92 -4.96 -28.03
C PHE C 79 -34.49 -3.77 -27.24
N VAL C 80 -34.32 -2.55 -27.76
CA VAL C 80 -34.81 -1.33 -27.13
C VAL C 80 -36.32 -1.44 -26.86
N ALA C 81 -37.09 -1.83 -27.88
CA ALA C 81 -38.55 -2.00 -27.83
C ALA C 81 -38.99 -2.95 -26.71
N GLN C 82 -38.38 -4.14 -26.66
CA GLN C 82 -38.67 -5.16 -25.64
C GLN C 82 -38.28 -4.67 -24.25
N ALA C 83 -37.11 -3.98 -24.13
CA ALA C 83 -36.58 -3.45 -22.87
C ALA C 83 -37.49 -2.37 -22.27
N GLY C 84 -38.04 -1.51 -23.12
CA GLY C 84 -38.95 -0.44 -22.73
C GLY C 84 -40.27 -1.00 -22.24
N LYS C 85 -40.73 -2.11 -22.87
CA LYS C 85 -41.95 -2.86 -22.53
C LYS C 85 -41.81 -3.49 -21.13
N LEU C 86 -40.59 -3.95 -20.75
CA LEU C 86 -40.33 -4.56 -19.44
C LEU C 86 -40.32 -3.52 -18.30
N MET C 87 -39.70 -2.36 -18.53
CA MET C 87 -39.57 -1.28 -17.55
C MET C 87 -40.72 -0.27 -17.54
N GLY C 88 -41.50 -0.22 -18.62
CA GLY C 88 -42.61 0.72 -18.78
C GLY C 88 -42.08 2.11 -19.10
N GLY C 89 -41.16 2.17 -20.07
CA GLY C 89 -40.49 3.39 -20.50
C GLY C 89 -38.98 3.34 -20.41
N LEU C 90 -38.32 4.47 -20.73
CA LEU C 90 -36.86 4.59 -20.69
C LEU C 90 -36.45 6.00 -20.29
N ASP C 91 -35.50 6.10 -19.32
CA ASP C 91 -34.96 7.35 -18.77
C ASP C 91 -33.50 7.60 -19.13
N MET C 92 -32.71 6.52 -19.27
CA MET C 92 -31.29 6.63 -19.58
C MET C 92 -30.86 5.46 -20.43
N LEU C 93 -30.24 5.76 -21.56
CA LEU C 93 -29.73 4.79 -22.51
C LEU C 93 -28.21 4.86 -22.48
N ILE C 94 -27.59 3.90 -21.78
CA ILE C 94 -26.15 3.86 -21.67
C ILE C 94 -25.63 2.93 -22.73
N LEU C 95 -24.88 3.49 -23.69
CA LEU C 95 -24.30 2.74 -24.81
C LEU C 95 -22.84 2.46 -24.50
N ASN C 96 -22.56 1.19 -24.21
CA ASN C 96 -21.27 0.79 -23.71
C ASN C 96 -20.55 -0.33 -24.51
N HIS C 97 -21.28 -1.27 -25.16
CA HIS C 97 -20.69 -2.40 -25.89
C HIS C 97 -19.75 -2.04 -27.06
N ILE C 98 -18.72 -2.87 -27.24
CA ILE C 98 -17.79 -2.84 -28.36
C ILE C 98 -17.56 -4.32 -28.82
N THR C 99 -17.00 -4.51 -30.03
CA THR C 99 -16.62 -5.80 -30.60
C THR C 99 -15.27 -6.17 -29.99
N ASN C 100 -14.98 -7.45 -29.79
CA ASN C 100 -13.69 -7.84 -29.22
C ASN C 100 -12.51 -7.23 -30.00
N THR C 101 -11.64 -6.46 -29.32
CA THR C 101 -10.50 -5.79 -29.94
C THR C 101 -9.20 -6.12 -29.22
N SER C 102 -8.11 -6.26 -30.00
CA SER C 102 -6.76 -6.52 -29.49
C SER C 102 -5.78 -5.48 -30.07
N LEU C 103 -4.58 -5.36 -29.49
CA LEU C 103 -3.56 -4.42 -29.94
C LEU C 103 -2.63 -5.01 -31.00
N ASN C 104 -2.65 -4.42 -32.21
CA ASN C 104 -1.85 -4.83 -33.36
C ASN C 104 -1.72 -3.67 -34.34
N LEU C 105 -0.58 -3.57 -35.05
CA LEU C 105 -0.40 -2.57 -36.12
C LEU C 105 -1.39 -2.93 -37.23
N PHE C 106 -2.07 -1.94 -37.83
CA PHE C 106 -3.00 -2.24 -38.91
C PHE C 106 -2.24 -2.53 -40.20
N HIS C 107 -2.72 -3.50 -41.00
CA HIS C 107 -2.08 -3.80 -42.28
C HIS C 107 -3.10 -4.00 -43.42
N ASP C 108 -3.94 -5.07 -43.36
CA ASP C 108 -4.93 -5.40 -44.39
C ASP C 108 -6.30 -5.87 -43.82
N ASP C 109 -6.46 -5.98 -42.49
CA ASP C 109 -7.70 -6.52 -41.89
C ASP C 109 -8.92 -5.58 -42.03
N ILE C 110 -9.52 -5.58 -43.24
CA ILE C 110 -10.71 -4.81 -43.62
C ILE C 110 -11.91 -5.30 -42.81
N HIS C 111 -11.97 -6.63 -42.53
CA HIS C 111 -13.03 -7.28 -41.76
C HIS C 111 -13.15 -6.63 -40.38
N HIS C 112 -12.02 -6.57 -39.63
CA HIS C 112 -12.00 -5.96 -38.29
C HIS C 112 -12.41 -4.49 -38.33
N VAL C 113 -11.99 -3.73 -39.38
CA VAL C 113 -12.34 -2.32 -39.57
C VAL C 113 -13.87 -2.15 -39.70
N ARG C 114 -14.48 -2.88 -40.63
CA ARG C 114 -15.93 -2.82 -40.89
C ARG C 114 -16.72 -3.31 -39.67
N LYS C 115 -16.25 -4.40 -39.02
CA LYS C 115 -16.85 -4.95 -37.81
C LYS C 115 -16.78 -3.90 -36.67
N SER C 116 -15.62 -3.23 -36.50
CA SER C 116 -15.45 -2.18 -35.47
C SER C 116 -16.43 -1.03 -35.75
N MET C 117 -16.62 -0.68 -37.02
CA MET C 117 -17.55 0.37 -37.41
C MET C 117 -19.02 0.03 -37.20
N GLU C 118 -19.43 -1.22 -37.54
CA GLU C 118 -20.81 -1.71 -37.42
C GLU C 118 -21.22 -1.84 -35.93
N VAL C 119 -20.39 -2.55 -35.13
CA VAL C 119 -20.63 -2.81 -33.69
C VAL C 119 -20.42 -1.55 -32.82
N ASN C 120 -19.20 -0.98 -32.81
CA ASN C 120 -18.88 0.18 -31.96
C ASN C 120 -19.58 1.47 -32.36
N PHE C 121 -20.03 1.62 -33.61
CA PHE C 121 -20.66 2.89 -33.98
C PHE C 121 -22.07 2.76 -34.59
N LEU C 122 -22.22 1.97 -35.69
CA LEU C 122 -23.52 1.86 -36.35
C LEU C 122 -24.66 1.36 -35.42
N SER C 123 -24.38 0.35 -34.56
CA SER C 123 -25.39 -0.16 -33.62
C SER C 123 -25.87 0.89 -32.60
N TYR C 124 -24.98 1.84 -32.20
CA TYR C 124 -25.29 2.92 -31.26
C TYR C 124 -26.34 3.87 -31.85
N VAL C 125 -26.21 4.19 -33.16
CA VAL C 125 -27.13 5.06 -33.92
C VAL C 125 -28.51 4.36 -34.00
N VAL C 126 -28.51 3.05 -34.36
CA VAL C 126 -29.70 2.19 -34.45
C VAL C 126 -30.42 2.13 -33.10
N LEU C 127 -29.67 1.87 -31.98
CA LEU C 127 -30.27 1.83 -30.63
C LEU C 127 -30.85 3.21 -30.23
N THR C 128 -30.18 4.30 -30.64
CA THR C 128 -30.60 5.69 -30.38
C THR C 128 -31.88 6.01 -31.13
N VAL C 129 -31.95 5.62 -32.42
CA VAL C 129 -33.13 5.79 -33.27
C VAL C 129 -34.31 5.09 -32.62
N ALA C 130 -34.10 3.83 -32.16
CA ALA C 130 -35.13 3.01 -31.51
C ALA C 130 -35.59 3.58 -30.16
N ALA C 131 -34.64 4.11 -29.35
CA ALA C 131 -34.83 4.62 -27.99
C ALA C 131 -35.39 6.03 -27.87
N LEU C 132 -34.92 6.95 -28.74
CA LEU C 132 -35.28 8.37 -28.74
C LEU C 132 -36.79 8.67 -28.46
N PRO C 133 -37.83 8.04 -29.10
CA PRO C 133 -39.22 8.37 -28.71
C PRO C 133 -39.50 8.30 -27.20
N MET C 134 -39.13 7.17 -26.54
CA MET C 134 -39.25 6.95 -25.10
C MET C 134 -38.46 8.00 -24.29
N LEU C 135 -37.25 8.37 -24.77
CA LEU C 135 -36.40 9.38 -24.11
C LEU C 135 -36.94 10.78 -24.30
N LYS C 136 -37.67 11.02 -25.43
CA LYS C 136 -38.31 12.30 -25.72
C LYS C 136 -39.45 12.48 -24.72
N GLN C 137 -40.32 11.44 -24.58
CA GLN C 137 -41.45 11.42 -23.65
C GLN C 137 -41.00 11.49 -22.17
N SER C 138 -39.75 11.06 -21.85
CA SER C 138 -39.20 11.08 -20.49
C SER C 138 -38.19 12.22 -20.18
N ASN C 139 -37.78 13.00 -21.21
CA ASN C 139 -36.74 14.05 -21.11
C ASN C 139 -35.46 13.37 -20.61
N GLY C 140 -35.18 12.23 -21.26
CA GLY C 140 -34.10 11.30 -20.97
C GLY C 140 -32.69 11.72 -21.32
N SER C 141 -31.77 10.75 -21.24
CA SER C 141 -30.37 10.94 -21.49
C SER C 141 -29.79 9.78 -22.26
N ILE C 142 -28.93 10.09 -23.23
CA ILE C 142 -28.16 9.10 -23.97
C ILE C 142 -26.77 9.25 -23.39
N VAL C 143 -26.19 8.15 -22.92
CA VAL C 143 -24.83 8.18 -22.38
C VAL C 143 -23.98 7.39 -23.35
N VAL C 144 -23.04 8.07 -24.01
CA VAL C 144 -22.20 7.43 -25.01
C VAL C 144 -20.85 7.16 -24.38
N VAL C 145 -20.49 5.88 -24.24
CA VAL C 145 -19.19 5.52 -23.70
C VAL C 145 -18.17 5.49 -24.81
N SER C 146 -17.25 6.46 -24.77
CA SER C 146 -16.18 6.59 -25.72
C SER C 146 -14.82 6.37 -25.03
N SER C 147 -13.74 6.88 -25.62
CA SER C 147 -12.38 6.68 -25.16
C SER C 147 -11.53 7.92 -25.47
N LEU C 148 -10.33 8.00 -24.88
CA LEU C 148 -9.35 9.04 -25.18
C LEU C 148 -8.92 8.82 -26.64
N ALA C 149 -8.93 7.53 -27.09
CA ALA C 149 -8.65 7.12 -28.46
C ALA C 149 -9.77 7.57 -29.44
N GLY C 150 -10.82 8.18 -28.90
CA GLY C 150 -11.93 8.77 -29.64
C GLY C 150 -11.83 10.28 -29.75
N LYS C 151 -10.73 10.86 -29.24
CA LYS C 151 -10.45 12.32 -29.24
C LYS C 151 -9.01 12.57 -29.67
N VAL C 152 -8.14 11.57 -29.51
CA VAL C 152 -6.70 11.65 -29.79
C VAL C 152 -6.21 10.39 -30.53
N ALA C 153 -5.10 10.51 -31.31
CA ALA C 153 -4.47 9.43 -32.09
C ALA C 153 -3.43 8.61 -31.34
N TYR C 154 -3.56 7.27 -31.41
CA TYR C 154 -2.65 6.30 -30.79
C TYR C 154 -2.31 5.11 -31.72
N PRO C 155 -1.09 4.54 -31.68
CA PRO C 155 -0.82 3.36 -32.50
C PRO C 155 -1.44 2.10 -31.87
N LEU C 156 -1.63 1.01 -32.68
CA LEU C 156 -2.17 -0.34 -32.32
C LEU C 156 -3.69 -0.41 -32.13
N VAL C 157 -4.43 0.69 -32.37
CA VAL C 157 -5.91 0.76 -32.21
C VAL C 157 -6.62 1.50 -33.35
N ALA C 158 -6.10 1.45 -34.59
CA ALA C 158 -6.65 2.18 -35.74
C ALA C 158 -8.17 2.06 -35.96
N ALA C 159 -8.67 0.83 -36.19
CA ALA C 159 -10.08 0.55 -36.43
C ALA C 159 -10.96 1.00 -35.24
N TYR C 160 -10.48 0.72 -34.01
CA TYR C 160 -11.12 1.12 -32.75
C TYR C 160 -11.26 2.65 -32.71
N SER C 161 -10.12 3.37 -32.89
CA SER C 161 -10.05 4.84 -32.88
C SER C 161 -10.97 5.46 -33.90
N ALA C 162 -11.10 4.82 -35.08
CA ALA C 162 -11.97 5.28 -36.15
C ALA C 162 -13.45 5.29 -35.72
N SER C 163 -13.95 4.19 -35.08
CA SER C 163 -15.35 4.11 -34.61
C SER C 163 -15.66 5.05 -33.46
N LYS C 164 -14.69 5.25 -32.55
CA LYS C 164 -14.86 6.13 -31.39
C LYS C 164 -14.90 7.61 -31.80
N PHE C 165 -14.07 8.00 -32.79
CA PHE C 165 -14.08 9.39 -33.31
C PHE C 165 -15.41 9.65 -34.00
N ALA C 166 -15.88 8.65 -34.77
CA ALA C 166 -17.15 8.64 -35.48
C ALA C 166 -18.36 8.92 -34.55
N LEU C 167 -18.32 8.46 -33.28
CA LEU C 167 -19.36 8.67 -32.25
C LEU C 167 -19.40 10.14 -31.78
N ASP C 168 -18.20 10.78 -31.68
CA ASP C 168 -18.12 12.20 -31.28
C ASP C 168 -18.69 12.99 -32.44
N GLY C 169 -18.29 12.65 -33.65
CA GLY C 169 -18.80 13.27 -34.86
C GLY C 169 -20.32 13.14 -34.93
N PHE C 170 -20.83 11.90 -34.85
CA PHE C 170 -22.28 11.70 -34.92
C PHE C 170 -23.06 12.33 -33.77
N PHE C 171 -22.80 11.92 -32.51
CA PHE C 171 -23.58 12.37 -31.36
C PHE C 171 -23.40 13.84 -31.00
N SER C 172 -22.30 14.49 -31.45
CA SER C 172 -22.07 15.90 -31.19
C SER C 172 -22.79 16.78 -32.20
N SER C 173 -22.89 16.32 -33.47
CA SER C 173 -23.64 17.03 -34.51
C SER C 173 -25.13 16.93 -34.20
N ILE C 174 -25.60 15.74 -33.71
CA ILE C 174 -27.02 15.57 -33.37
C ILE C 174 -27.37 16.33 -32.08
N ARG C 175 -26.38 16.53 -31.18
CA ARG C 175 -26.60 17.29 -29.94
C ARG C 175 -26.92 18.74 -30.33
N LYS C 176 -26.21 19.27 -31.35
CA LYS C 176 -26.41 20.63 -31.88
C LYS C 176 -27.82 20.76 -32.42
N GLU C 177 -28.26 19.76 -33.22
CA GLU C 177 -29.58 19.68 -33.85
C GLU C 177 -30.69 19.73 -32.80
N TYR C 178 -30.53 18.97 -31.68
CA TYR C 178 -31.49 18.89 -30.57
C TYR C 178 -31.69 20.25 -29.89
N SER C 179 -30.63 21.08 -29.86
CA SER C 179 -30.67 22.42 -29.26
C SER C 179 -31.56 23.38 -30.04
N VAL C 180 -31.51 23.32 -31.40
CA VAL C 180 -32.30 24.19 -32.28
C VAL C 180 -33.71 23.59 -32.57
N SER C 181 -33.84 22.25 -32.53
CA SER C 181 -35.12 21.56 -32.73
C SER C 181 -35.88 21.37 -31.41
N ARG C 182 -35.29 21.86 -30.30
CA ARG C 182 -35.80 21.83 -28.92
C ARG C 182 -36.19 20.39 -28.43
N VAL C 183 -35.28 19.42 -28.66
CA VAL C 183 -35.41 18.02 -28.22
C VAL C 183 -34.68 17.96 -26.87
N ASN C 184 -35.43 17.89 -25.75
CA ASN C 184 -34.90 17.89 -24.37
C ASN C 184 -34.26 16.56 -23.92
N VAL C 185 -33.33 16.04 -24.74
CA VAL C 185 -32.59 14.79 -24.49
C VAL C 185 -31.10 15.16 -24.44
N SER C 186 -30.47 14.94 -23.27
CA SER C 186 -29.06 15.23 -23.07
C SER C 186 -28.22 14.10 -23.65
N ILE C 187 -27.04 14.45 -24.16
CA ILE C 187 -26.09 13.50 -24.69
C ILE C 187 -24.78 13.71 -23.92
N THR C 188 -24.33 12.64 -23.22
CA THR C 188 -23.11 12.63 -22.43
C THR C 188 -22.11 11.77 -23.14
N LEU C 189 -21.04 12.39 -23.67
CA LEU C 189 -19.96 11.66 -24.33
C LEU C 189 -18.93 11.41 -23.24
N CYS C 190 -18.61 10.15 -23.01
CA CYS C 190 -17.69 9.79 -21.94
C CYS C 190 -16.33 9.45 -22.46
N VAL C 191 -15.35 10.33 -22.16
CA VAL C 191 -13.99 10.23 -22.63
C VAL C 191 -13.14 9.57 -21.55
N LEU C 192 -12.88 8.27 -21.75
CA LEU C 192 -12.14 7.49 -20.77
C LEU C 192 -10.77 7.11 -21.25
N GLY C 193 -9.82 7.10 -20.31
CA GLY C 193 -8.48 6.61 -20.54
C GLY C 193 -8.49 5.12 -20.28
N LEU C 194 -7.31 4.52 -20.06
CA LEU C 194 -7.19 3.10 -19.75
C LEU C 194 -7.91 2.68 -18.46
N ILE C 195 -8.82 1.68 -18.54
CA ILE C 195 -9.61 1.22 -17.39
C ILE C 195 -9.26 -0.23 -17.08
N ASP C 196 -8.97 -0.53 -15.80
CA ASP C 196 -8.52 -1.86 -15.35
C ASP C 196 -9.53 -3.05 -15.52
N THR C 197 -10.30 -3.08 -16.63
CA THR C 197 -11.22 -4.19 -16.88
C THR C 197 -10.40 -5.39 -17.31
N GLU C 198 -10.93 -6.59 -17.03
CA GLU C 198 -10.30 -7.89 -17.37
C GLU C 198 -9.89 -7.95 -18.86
N THR C 199 -10.74 -7.46 -19.78
CA THR C 199 -10.49 -7.39 -21.22
C THR C 199 -9.28 -6.50 -21.52
N ALA C 200 -9.26 -5.29 -20.94
CA ALA C 200 -8.20 -4.30 -21.11
C ALA C 200 -6.88 -4.79 -20.56
N MET C 201 -6.88 -5.33 -19.32
CA MET C 201 -5.64 -5.83 -18.68
C MET C 201 -5.02 -7.01 -19.46
N LYS C 202 -5.86 -7.87 -20.07
CA LYS C 202 -5.40 -9.00 -20.90
C LYS C 202 -4.83 -8.46 -22.23
N ALA C 203 -5.60 -7.62 -22.94
CA ALA C 203 -5.23 -7.04 -24.24
C ALA C 203 -3.97 -6.16 -24.21
N VAL C 204 -3.65 -5.55 -23.07
CA VAL C 204 -2.53 -4.63 -22.87
C VAL C 204 -1.23 -5.36 -22.48
N SER C 205 -1.33 -6.46 -21.73
CA SER C 205 -0.19 -7.24 -21.23
C SER C 205 0.84 -7.57 -22.29
N GLY C 206 2.09 -7.24 -22.00
CA GLY C 206 3.24 -7.47 -22.87
C GLY C 206 3.43 -6.49 -24.01
N ILE C 207 2.48 -5.55 -24.20
CA ILE C 207 2.54 -4.56 -25.29
C ILE C 207 2.81 -3.12 -24.76
N VAL C 208 1.98 -2.58 -23.85
CA VAL C 208 2.16 -1.19 -23.40
C VAL C 208 2.49 -1.10 -21.86
N HIS C 209 3.34 -0.10 -21.46
CA HIS C 209 3.83 0.14 -20.09
C HIS C 209 3.44 1.52 -19.55
N MET C 210 0.55 -0.03 -18.90
CA MET C 210 0.39 1.35 -18.45
C MET C 210 -0.58 1.48 -17.26
N GLN C 211 -0.67 2.69 -16.66
CA GLN C 211 -1.55 2.96 -15.54
C GLN C 211 -3.00 2.96 -15.96
N ALA C 212 -3.79 2.05 -15.36
CA ALA C 212 -5.22 1.93 -15.63
C ALA C 212 -6.00 2.41 -14.43
N ALA C 213 -7.09 3.17 -14.70
CA ALA C 213 -7.98 3.72 -13.68
C ALA C 213 -8.99 2.63 -13.23
N PRO C 214 -9.45 2.62 -11.96
CA PRO C 214 -10.37 1.55 -11.53
C PRO C 214 -11.73 1.59 -12.18
N LYS C 215 -12.22 0.39 -12.54
CA LYS C 215 -13.49 0.21 -13.23
C LYS C 215 -14.70 0.65 -12.41
N GLU C 216 -14.60 0.50 -11.08
CA GLU C 216 -15.65 0.87 -10.13
C GLU C 216 -15.86 2.37 -10.08
N GLU C 217 -14.75 3.15 -10.02
CA GLU C 217 -14.83 4.60 -9.95
C GLU C 217 -15.28 5.15 -11.32
N CYS C 218 -14.76 4.54 -12.40
CA CYS C 218 -15.07 4.87 -13.79
C CYS C 218 -16.59 4.78 -14.02
N ALA C 219 -17.19 3.64 -13.64
CA ALA C 219 -18.62 3.38 -13.77
C ALA C 219 -19.45 4.43 -13.03
N LEU C 220 -18.98 4.84 -11.85
CA LEU C 220 -19.65 5.85 -11.04
C LEU C 220 -19.61 7.23 -11.71
N GLU C 221 -18.45 7.65 -12.23
CA GLU C 221 -18.27 8.94 -12.91
C GLU C 221 -19.11 9.05 -14.17
N ILE C 222 -19.33 7.91 -14.88
CA ILE C 222 -20.18 7.89 -16.06
C ILE C 222 -21.62 8.22 -15.62
N ILE C 223 -22.15 7.48 -14.62
CA ILE C 223 -23.50 7.69 -14.07
C ILE C 223 -23.66 9.11 -13.53
N LYS C 224 -22.68 9.60 -12.75
CA LYS C 224 -22.69 10.95 -12.16
C LYS C 224 -22.84 12.03 -13.24
N GLY C 225 -22.16 11.84 -14.37
CA GLY C 225 -22.20 12.74 -15.50
C GLY C 225 -23.55 12.78 -16.19
N GLY C 226 -24.06 11.59 -16.52
CA GLY C 226 -25.36 11.39 -17.14
C GLY C 226 -26.51 11.95 -16.30
N ALA C 227 -26.44 11.74 -14.98
CA ALA C 227 -27.44 12.25 -14.02
C ALA C 227 -27.44 13.77 -13.96
N LEU C 228 -26.26 14.38 -14.15
CA LEU C 228 -26.09 15.85 -14.15
C LEU C 228 -26.18 16.45 -15.57
N ARG C 229 -26.53 15.61 -16.57
CA ARG C 229 -26.73 15.98 -17.99
C ARG C 229 -25.51 16.69 -18.66
N GLN C 230 -24.27 16.38 -18.21
CA GLN C 230 -23.02 16.96 -18.70
C GLN C 230 -22.81 16.57 -20.13
N GLU C 231 -22.26 17.48 -20.93
CA GLU C 231 -22.02 17.17 -22.34
C GLU C 231 -20.89 16.16 -22.48
N GLU C 232 -19.84 16.30 -21.65
CA GLU C 232 -18.68 15.41 -21.65
C GLU C 232 -18.26 15.03 -20.24
N VAL C 233 -17.71 13.81 -20.10
CA VAL C 233 -17.19 13.29 -18.83
C VAL C 233 -15.78 12.85 -19.14
N TYR C 234 -14.81 13.24 -18.28
CA TYR C 234 -13.40 12.89 -18.48
C TYR C 234 -12.92 12.06 -17.32
N TYR C 235 -12.48 10.82 -17.60
CA TYR C 235 -11.96 9.94 -16.56
C TYR C 235 -10.68 9.25 -17.02
N ASP C 236 -9.58 9.58 -16.36
CA ASP C 236 -8.24 9.04 -16.62
C ASP C 236 -7.45 9.03 -15.32
N SER C 237 -6.53 8.04 -15.12
CA SER C 237 -5.70 7.95 -13.91
C SER C 237 -4.68 9.09 -13.79
N SER C 238 -4.31 9.73 -14.91
CA SER C 238 -3.38 10.86 -14.92
C SER C 238 -4.12 12.21 -14.83
N ARG C 239 -3.73 13.04 -13.87
CA ARG C 239 -4.34 14.35 -13.69
C ARG C 239 -3.90 15.32 -14.81
N TRP C 240 -2.69 15.11 -15.37
CA TRP C 240 -2.13 15.87 -16.49
C TRP C 240 -2.99 15.68 -17.73
N THR C 241 -3.28 14.40 -18.08
CA THR C 241 -4.11 14.03 -19.25
C THR C 241 -5.53 14.59 -19.12
N THR C 242 -6.10 14.55 -17.90
CA THR C 242 -7.45 15.05 -17.61
C THR C 242 -7.53 16.55 -17.96
N LEU C 243 -6.46 17.30 -17.66
CA LEU C 243 -6.36 18.72 -17.96
C LEU C 243 -6.21 18.99 -19.46
N LEU C 244 -5.57 18.06 -20.19
CA LEU C 244 -5.29 18.17 -21.62
C LEU C 244 -6.36 17.59 -22.55
N ILE C 245 -7.39 16.94 -22.01
CA ILE C 245 -8.39 16.33 -22.87
C ILE C 245 -9.43 17.37 -23.38
N ARG C 246 -9.67 18.44 -22.61
CA ARG C 246 -10.61 19.52 -22.94
C ARG C 246 -10.21 20.26 -24.21
N ASN C 247 -11.19 20.62 -25.05
CA ASN C 247 -10.91 21.37 -26.30
C ASN C 247 -11.66 22.72 -26.28
N PRO C 248 -10.99 23.75 -25.75
CA PRO C 248 -11.64 25.06 -25.63
C PRO C 248 -11.83 25.81 -26.94
N SER C 249 -10.89 25.69 -27.89
CA SER C 249 -10.99 26.36 -29.19
C SER C 249 -12.10 25.77 -30.04
N ARG C 250 -12.35 24.43 -29.94
CA ARG C 250 -13.47 23.74 -30.62
C ARG C 250 -14.78 24.39 -30.12
N LYS C 251 -14.93 24.48 -28.78
CA LYS C 251 -16.09 25.10 -28.12
C LYS C 251 -16.31 26.53 -28.60
N ILE C 252 -15.22 27.32 -28.78
CA ILE C 252 -15.25 28.70 -29.29
C ILE C 252 -15.76 28.68 -30.73
N LEU C 253 -15.10 27.87 -31.61
CA LEU C 253 -15.43 27.70 -33.02
C LEU C 253 -16.91 27.30 -33.20
N GLU C 254 -17.44 26.47 -32.28
CA GLU C 254 -18.83 25.99 -32.27
C GLU C 254 -19.78 27.10 -31.84
N GLU C 255 -19.41 27.86 -30.80
CA GLU C 255 -20.20 28.96 -30.24
C GLU C 255 -20.26 30.15 -31.18
N LEU C 256 -19.21 30.32 -32.01
CA LEU C 256 -19.10 31.41 -32.98
C LEU C 256 -20.07 31.22 -34.15
N TYR C 257 -20.34 29.96 -34.53
CA TYR C 257 -21.28 29.59 -35.59
C TYR C 257 -22.71 29.57 -35.04
N SER C 258 -22.90 29.11 -33.79
CA SER C 258 -24.20 28.99 -33.11
C SER C 258 -24.96 30.32 -32.94
N THR C 259 -24.22 31.44 -32.74
CA THR C 259 -24.82 32.77 -32.60
C THR C 259 -24.81 33.53 -33.95
N SER C 260 -24.78 32.78 -35.08
CA SER C 260 -24.78 33.33 -36.43
C SER C 260 -25.61 32.48 -37.39
N GLU D 3 28.71 -17.68 3.75
CA GLU D 3 30.12 -17.34 3.88
C GLU D 3 30.34 -16.30 5.00
N PHE D 4 29.61 -15.17 4.96
CA PHE D 4 29.74 -14.13 5.98
C PHE D 4 29.09 -14.50 7.31
N ARG D 5 29.73 -14.08 8.41
CA ARG D 5 29.29 -14.27 9.79
C ARG D 5 29.49 -12.93 10.53
N PRO D 6 28.49 -12.38 11.25
CA PRO D 6 28.70 -11.10 11.97
C PRO D 6 29.77 -11.10 13.07
N GLU D 7 30.27 -12.31 13.45
CA GLU D 7 31.31 -12.52 14.46
C GLU D 7 32.70 -12.12 13.94
N MET D 8 32.84 -12.02 12.59
CA MET D 8 34.07 -11.62 11.90
C MET D 8 34.47 -10.17 12.25
N LEU D 9 33.46 -9.34 12.61
CA LEU D 9 33.61 -7.93 12.98
C LEU D 9 33.63 -7.67 14.48
N GLN D 10 33.33 -8.70 15.32
CA GLN D 10 33.34 -8.57 16.77
C GLN D 10 34.75 -8.27 17.31
N GLY D 11 34.87 -7.14 18.00
CA GLY D 11 36.14 -6.67 18.55
C GLY D 11 37.11 -6.09 17.54
N LYS D 12 36.67 -5.93 16.28
CA LYS D 12 37.51 -5.35 15.22
C LYS D 12 37.48 -3.83 15.34
N LYS D 13 38.63 -3.18 15.11
CA LYS D 13 38.80 -1.73 15.22
C LYS D 13 38.53 -1.11 13.86
N VAL D 14 37.44 -0.32 13.73
CA VAL D 14 37.00 0.22 12.42
C VAL D 14 36.77 1.74 12.42
N ILE D 15 37.27 2.43 11.37
CA ILE D 15 37.08 3.86 11.12
C ILE D 15 35.96 4.00 10.05
N VAL D 16 34.97 4.87 10.29
CA VAL D 16 33.93 5.12 9.29
C VAL D 16 33.82 6.63 9.10
N THR D 17 34.14 7.10 7.89
CA THR D 17 34.11 8.53 7.51
C THR D 17 32.72 8.88 6.98
N GLY D 18 32.36 10.16 7.05
CA GLY D 18 31.04 10.65 6.65
C GLY D 18 29.94 9.81 7.26
N ALA D 19 30.15 9.42 8.54
CA ALA D 19 29.27 8.52 9.28
C ALA D 19 28.30 9.19 10.28
N SER D 20 27.86 10.43 9.99
CA SER D 20 26.89 11.15 10.84
C SER D 20 25.45 11.02 10.32
N LYS D 21 25.30 10.66 9.04
CA LYS D 21 24.02 10.48 8.34
C LYS D 21 24.17 9.49 7.16
N GLY D 22 23.04 9.16 6.52
CA GLY D 22 22.99 8.26 5.37
C GLY D 22 23.66 6.92 5.55
N ILE D 23 24.29 6.40 4.48
CA ILE D 23 24.99 5.10 4.44
C ILE D 23 26.04 4.94 5.56
N GLY D 24 26.89 5.96 5.73
CA GLY D 24 27.95 6.01 6.73
C GLY D 24 27.49 5.71 8.13
N ARG D 25 26.42 6.39 8.58
CA ARG D 25 25.80 6.23 9.90
C ARG D 25 25.20 4.82 10.02
N GLU D 26 24.61 4.31 8.92
CA GLU D 26 24.05 2.95 8.87
C GLU D 26 25.16 1.90 9.00
N MET D 27 26.37 2.21 8.47
CA MET D 27 27.54 1.34 8.56
C MET D 27 28.04 1.28 9.99
N ALA D 28 28.03 2.43 10.69
CA ALA D 28 28.42 2.53 12.09
C ALA D 28 27.47 1.72 12.97
N TYR D 29 26.15 1.73 12.64
CA TYR D 29 25.10 1.02 13.38
C TYR D 29 25.23 -0.50 13.25
N HIS D 30 25.53 -1.00 12.03
CA HIS D 30 25.72 -2.44 11.77
C HIS D 30 26.94 -2.97 12.53
N LEU D 31 28.08 -2.22 12.46
CA LEU D 31 29.35 -2.54 13.13
C LEU D 31 29.23 -2.50 14.65
N ALA D 32 28.43 -1.55 15.17
CA ALA D 32 28.13 -1.40 16.60
C ALA D 32 27.33 -2.61 17.11
N LYS D 33 26.35 -3.09 16.31
CA LYS D 33 25.52 -4.26 16.61
C LYS D 33 26.37 -5.54 16.60
N MET D 34 27.43 -5.57 15.78
CA MET D 34 28.36 -6.71 15.67
C MET D 34 29.45 -6.66 16.76
N GLY D 35 29.44 -5.60 17.57
CA GLY D 35 30.35 -5.43 18.69
C GLY D 35 31.75 -4.99 18.30
N ALA D 36 31.86 -4.16 17.24
CA ALA D 36 33.13 -3.65 16.76
C ALA D 36 33.51 -2.35 17.46
N HIS D 37 34.82 -2.06 17.53
CA HIS D 37 35.34 -0.80 18.05
C HIS D 37 35.14 0.21 16.91
N VAL D 38 34.48 1.34 17.18
CA VAL D 38 34.18 2.33 16.13
C VAL D 38 34.63 3.75 16.48
N VAL D 39 35.18 4.45 15.48
CA VAL D 39 35.53 5.85 15.55
C VAL D 39 34.93 6.51 14.32
N VAL D 40 33.91 7.34 14.53
CA VAL D 40 33.15 8.03 13.47
C VAL D 40 33.61 9.47 13.26
N THR D 41 33.59 9.93 11.98
CA THR D 41 33.96 11.30 11.59
C THR D 41 32.97 11.89 10.55
N ALA D 42 32.93 13.24 10.52
CA ALA D 42 32.16 14.19 9.71
C ALA D 42 32.48 15.56 10.35
N ARG D 43 31.96 16.67 9.79
CA ARG D 43 32.22 17.99 10.36
C ARG D 43 31.41 18.26 11.65
N SER D 44 30.11 17.84 11.67
CA SER D 44 29.14 18.04 12.77
C SER D 44 29.46 17.28 14.08
N LYS D 45 29.73 18.04 15.16
CA LYS D 45 30.00 17.46 16.48
C LYS D 45 28.70 16.98 17.16
N GLU D 46 27.59 17.70 16.93
CA GLU D 46 26.27 17.39 17.48
C GLU D 46 25.61 16.18 16.80
N THR D 47 25.84 15.98 15.50
CA THR D 47 25.29 14.85 14.75
C THR D 47 26.10 13.58 15.03
N LEU D 48 27.46 13.69 15.12
CA LEU D 48 28.33 12.53 15.40
C LEU D 48 28.19 11.96 16.82
N GLN D 49 27.73 12.79 17.79
CA GLN D 49 27.50 12.38 19.18
C GLN D 49 26.25 11.50 19.25
N LYS D 50 25.20 11.87 18.48
CA LYS D 50 23.93 11.14 18.38
C LYS D 50 24.15 9.75 17.79
N VAL D 51 25.13 9.62 16.86
CA VAL D 51 25.52 8.35 16.25
C VAL D 51 26.33 7.52 17.28
N VAL D 52 27.30 8.18 17.98
CA VAL D 52 28.16 7.58 19.03
C VAL D 52 27.31 6.94 20.14
N SER D 53 26.29 7.69 20.64
CA SER D 53 25.37 7.23 21.71
C SER D 53 24.60 5.97 21.30
N HIS D 54 23.97 5.98 20.11
CA HIS D 54 23.24 4.81 19.59
C HIS D 54 24.17 3.62 19.36
N CYS D 55 25.43 3.87 18.93
CA CYS D 55 26.45 2.85 18.72
C CYS D 55 26.82 2.10 20.01
N LEU D 56 26.87 2.82 21.14
CA LEU D 56 27.14 2.21 22.45
C LEU D 56 25.89 1.43 22.90
N GLU D 57 24.71 2.01 22.61
CA GLU D 57 23.37 1.48 22.89
C GLU D 57 23.12 0.16 22.12
N LEU D 58 23.75 -0.01 20.93
CA LEU D 58 23.60 -1.21 20.09
C LEU D 58 24.53 -2.39 20.49
N GLY D 59 25.55 -2.10 21.29
CA GLY D 59 26.49 -3.10 21.78
C GLY D 59 27.93 -3.01 21.29
N ALA D 60 28.40 -1.80 20.93
CA ALA D 60 29.78 -1.62 20.45
C ALA D 60 30.78 -1.73 21.60
N ALA D 61 31.93 -2.34 21.31
CA ALA D 61 33.05 -2.52 22.25
C ALA D 61 33.56 -1.15 22.69
N SER D 62 33.61 -0.19 21.75
CA SER D 62 33.99 1.21 21.98
C SER D 62 33.43 2.08 20.87
N ALA D 63 32.97 3.29 21.21
CA ALA D 63 32.42 4.25 20.26
C ALA D 63 32.92 5.65 20.56
N HIS D 64 33.67 6.22 19.61
CA HIS D 64 34.27 7.54 19.73
C HIS D 64 34.08 8.36 18.46
N TYR D 65 34.30 9.69 18.56
CA TYR D 65 34.21 10.59 17.41
C TYR D 65 35.34 11.65 17.43
N ILE D 66 35.67 12.17 16.22
CA ILE D 66 36.64 13.22 15.94
C ILE D 66 36.01 14.04 14.80
N ALA D 67 35.67 15.32 15.04
CA ALA D 67 35.04 16.14 14.02
C ALA D 67 36.01 17.15 13.38
N GLY D 68 35.82 17.37 12.08
CA GLY D 68 36.60 18.29 11.26
C GLY D 68 36.28 18.16 9.79
N THR D 69 36.88 19.03 8.96
CA THR D 69 36.62 18.97 7.52
C THR D 69 37.71 18.19 6.75
N MET D 70 37.25 17.37 5.77
CA MET D 70 38.13 16.59 4.90
C MET D 70 38.66 17.46 3.72
N GLU D 71 38.36 18.78 3.74
CA GLU D 71 38.87 19.81 2.84
C GLU D 71 40.28 20.15 3.32
N ASP D 72 40.51 19.91 4.61
CA ASP D 72 41.78 20.14 5.30
C ASP D 72 42.58 18.84 5.26
N MET D 73 43.64 18.79 4.44
CA MET D 73 44.51 17.60 4.32
C MET D 73 45.29 17.27 5.61
N THR D 74 45.63 18.30 6.43
CA THR D 74 46.36 18.07 7.69
C THR D 74 45.45 17.36 8.72
N PHE D 75 44.11 17.63 8.71
CA PHE D 75 43.19 16.94 9.60
C PHE D 75 43.08 15.47 9.21
N ALA D 76 43.10 15.16 7.90
CA ALA D 76 43.02 13.80 7.39
C ALA D 76 44.14 12.90 7.93
N GLU D 77 45.41 13.37 7.89
CA GLU D 77 46.56 12.62 8.44
C GLU D 77 46.34 12.40 9.94
N GLN D 78 46.07 13.50 10.68
CA GLN D 78 45.89 13.55 12.13
C GLN D 78 44.68 12.80 12.69
N PHE D 79 43.63 12.60 11.88
CA PHE D 79 42.43 11.90 12.34
C PHE D 79 42.70 10.40 12.52
N VAL D 80 43.38 9.76 11.54
CA VAL D 80 43.67 8.33 11.57
C VAL D 80 44.58 7.96 12.74
N ALA D 81 45.59 8.83 13.03
CA ALA D 81 46.52 8.66 14.15
C ALA D 81 45.74 8.70 15.48
N GLN D 82 44.82 9.69 15.62
CA GLN D 82 43.95 9.88 16.77
C GLN D 82 43.00 8.69 17.00
N ALA D 83 42.34 8.22 15.93
CA ALA D 83 41.43 7.08 15.94
C ALA D 83 42.19 5.77 16.23
N GLY D 84 43.43 5.69 15.73
CA GLY D 84 44.33 4.57 15.97
C GLY D 84 44.76 4.53 17.43
N LYS D 85 45.06 5.73 18.00
CA LYS D 85 45.44 5.93 19.40
C LYS D 85 44.31 5.46 20.33
N LEU D 86 43.04 5.80 19.98
CA LEU D 86 41.83 5.45 20.74
C LEU D 86 41.57 3.94 20.82
N MET D 87 41.60 3.26 19.67
CA MET D 87 41.29 1.83 19.59
C MET D 87 42.51 0.90 19.82
N GLY D 88 43.73 1.45 19.78
CA GLY D 88 44.94 0.68 19.96
C GLY D 88 45.28 -0.15 18.75
N GLY D 89 44.92 0.37 17.58
CA GLY D 89 45.10 -0.27 16.29
C GLY D 89 43.99 0.03 15.31
N LEU D 90 44.06 -0.57 14.12
CA LEU D 90 43.07 -0.43 13.06
C LEU D 90 43.01 -1.70 12.21
N ASP D 91 41.79 -2.20 11.94
CA ASP D 91 41.55 -3.39 11.14
C ASP D 91 40.88 -3.03 9.82
N MET D 92 39.89 -2.11 9.88
CA MET D 92 39.17 -1.69 8.70
C MET D 92 39.00 -0.20 8.65
N LEU D 93 39.46 0.37 7.53
CA LEU D 93 39.35 1.79 7.21
C LEU D 93 38.23 1.86 6.17
N ILE D 94 37.12 2.54 6.53
CA ILE D 94 35.95 2.73 5.64
C ILE D 94 35.90 4.18 5.19
N LEU D 95 36.09 4.38 3.88
CA LEU D 95 36.11 5.70 3.25
C LEU D 95 34.79 5.95 2.52
N ASN D 96 33.95 6.80 3.11
CA ASN D 96 32.59 7.06 2.64
C ASN D 96 32.26 8.53 2.36
N HIS D 97 32.85 9.47 3.13
CA HIS D 97 32.57 10.91 2.99
C HIS D 97 32.71 11.48 1.55
N ILE D 98 31.91 12.50 1.22
CA ILE D 98 31.97 13.23 -0.05
C ILE D 98 31.68 14.69 0.22
N THR D 99 31.86 15.53 -0.81
CA THR D 99 31.52 16.95 -0.76
C THR D 99 30.05 17.04 -1.20
N ASN D 100 29.32 18.06 -0.72
CA ASN D 100 27.91 18.28 -1.06
C ASN D 100 27.80 18.51 -2.58
N THR D 101 26.95 17.73 -3.25
CA THR D 101 26.81 17.78 -4.71
C THR D 101 25.33 17.77 -5.13
N SER D 102 25.01 18.47 -6.23
CA SER D 102 23.68 18.56 -6.82
C SER D 102 23.74 18.18 -8.29
N LEU D 103 22.58 17.76 -8.86
CA LEU D 103 22.48 17.38 -10.26
C LEU D 103 22.37 18.65 -11.09
N ASN D 104 23.45 18.99 -11.82
CA ASN D 104 23.54 20.19 -12.65
C ASN D 104 24.42 19.97 -13.88
N LEU D 105 24.12 20.66 -14.99
CA LEU D 105 24.91 20.62 -16.22
C LEU D 105 26.24 21.34 -15.93
N PHE D 106 27.33 20.93 -16.61
CA PHE D 106 28.62 21.58 -16.40
C PHE D 106 28.77 22.81 -17.30
N HIS D 107 29.15 23.95 -16.71
CA HIS D 107 29.38 25.19 -17.44
C HIS D 107 30.77 25.78 -17.13
N ASP D 108 30.98 26.34 -15.93
CA ASP D 108 32.26 26.96 -15.58
C ASP D 108 32.81 26.64 -14.19
N ASP D 109 32.08 25.88 -13.35
CA ASP D 109 32.49 25.63 -11.97
C ASP D 109 33.73 24.75 -11.80
N ILE D 110 34.92 25.36 -11.94
CA ILE D 110 36.22 24.69 -11.74
C ILE D 110 36.44 24.52 -10.22
N HIS D 111 35.78 25.39 -9.41
CA HIS D 111 35.84 25.35 -7.94
C HIS D 111 35.24 24.02 -7.42
N HIS D 112 34.04 23.65 -7.92
CA HIS D 112 33.36 22.41 -7.52
C HIS D 112 34.14 21.17 -7.95
N VAL D 113 34.71 21.20 -9.17
CA VAL D 113 35.54 20.14 -9.79
C VAL D 113 36.76 19.85 -8.91
N ARG D 114 37.45 20.92 -8.44
CA ARG D 114 38.65 20.86 -7.61
C ARG D 114 38.32 20.33 -6.20
N LYS D 115 37.28 20.90 -5.56
CA LYS D 115 36.76 20.52 -4.25
C LYS D 115 36.33 19.04 -4.26
N SER D 116 35.70 18.61 -5.36
CA SER D 116 35.29 17.21 -5.55
C SER D 116 36.53 16.31 -5.62
N MET D 117 37.60 16.73 -6.32
CA MET D 117 38.80 15.89 -6.39
C MET D 117 39.54 15.83 -5.06
N GLU D 118 39.62 16.97 -4.39
CA GLU D 118 40.26 17.10 -3.09
C GLU D 118 39.52 16.25 -2.02
N VAL D 119 38.21 16.48 -1.84
CA VAL D 119 37.40 15.78 -0.82
C VAL D 119 37.09 14.34 -1.22
N ASN D 120 36.50 14.13 -2.42
CA ASN D 120 36.11 12.78 -2.87
C ASN D 120 37.28 11.90 -3.26
N PHE D 121 38.49 12.47 -3.54
CA PHE D 121 39.60 11.62 -3.96
C PHE D 121 40.92 11.83 -3.16
N LEU D 122 41.48 13.08 -3.09
CA LEU D 122 42.77 13.33 -2.41
C LEU D 122 42.78 12.93 -0.94
N SER D 123 41.75 13.33 -0.17
CA SER D 123 41.62 12.99 1.25
C SER D 123 41.59 11.49 1.44
N TYR D 124 40.89 10.75 0.53
CA TYR D 124 40.81 9.28 0.51
C TYR D 124 42.21 8.66 0.45
N VAL D 125 43.12 9.27 -0.37
CA VAL D 125 44.53 8.84 -0.55
C VAL D 125 45.34 9.21 0.72
N VAL D 126 45.15 10.43 1.25
CA VAL D 126 45.85 10.94 2.46
C VAL D 126 45.54 10.04 3.67
N LEU D 127 44.26 9.69 3.82
CA LEU D 127 43.75 8.83 4.90
C LEU D 127 44.37 7.45 4.84
N THR D 128 44.49 6.88 3.62
CA THR D 128 45.10 5.57 3.32
C THR D 128 46.59 5.58 3.72
N VAL D 129 47.32 6.65 3.35
CA VAL D 129 48.76 6.81 3.65
C VAL D 129 48.96 6.80 5.17
N ALA D 130 48.10 7.53 5.91
CA ALA D 130 48.07 7.61 7.37
C ALA D 130 47.72 6.26 8.04
N ALA D 131 46.77 5.51 7.43
CA ALA D 131 46.24 4.25 7.95
C ALA D 131 47.01 2.99 7.61
N LEU D 132 47.72 2.95 6.47
CA LEU D 132 48.44 1.77 5.97
C LEU D 132 49.38 1.09 7.01
N PRO D 133 50.25 1.79 7.78
CA PRO D 133 51.11 1.07 8.76
C PRO D 133 50.36 0.20 9.77
N MET D 134 49.22 0.70 10.32
CA MET D 134 48.35 -0.02 11.26
C MET D 134 47.60 -1.15 10.57
N LEU D 135 47.27 -0.98 9.29
CA LEU D 135 46.56 -1.99 8.54
C LEU D 135 47.49 -3.12 8.08
N LYS D 136 48.76 -2.79 7.77
CA LYS D 136 49.79 -3.77 7.40
C LYS D 136 50.08 -4.73 8.56
N GLN D 137 50.05 -4.22 9.81
CA GLN D 137 50.31 -5.01 11.01
C GLN D 137 49.13 -5.97 11.35
N SER D 138 47.88 -5.47 11.22
CA SER D 138 46.65 -6.22 11.50
C SER D 138 46.17 -7.02 10.27
N ASN D 139 46.90 -6.91 9.12
CA ASN D 139 46.54 -7.53 7.84
C ASN D 139 45.12 -7.08 7.45
N GLY D 140 44.89 -5.80 7.72
CA GLY D 140 43.65 -5.07 7.54
C GLY D 140 43.08 -4.95 6.15
N SER D 141 42.03 -4.14 6.05
CA SER D 141 41.24 -3.96 4.85
C SER D 141 40.85 -2.51 4.68
N ILE D 142 41.00 -1.99 3.45
CA ILE D 142 40.58 -0.62 3.09
C ILE D 142 39.34 -0.78 2.25
N VAL D 143 38.27 -0.03 2.62
CA VAL D 143 36.95 -0.07 2.00
C VAL D 143 36.60 1.29 1.37
N VAL D 144 36.57 1.33 0.05
CA VAL D 144 36.29 2.55 -0.71
C VAL D 144 34.86 2.54 -1.25
N VAL D 145 34.03 3.52 -0.81
CA VAL D 145 32.63 3.64 -1.26
C VAL D 145 32.56 4.49 -2.53
N SER D 146 32.34 3.84 -3.67
CA SER D 146 32.26 4.50 -4.98
C SER D 146 30.81 4.68 -5.47
N SER D 147 30.56 4.54 -6.80
CA SER D 147 29.26 4.70 -7.44
C SER D 147 29.26 4.05 -8.83
N LEU D 148 28.03 3.90 -9.42
CA LEU D 148 27.81 3.41 -10.79
C LEU D 148 28.30 4.48 -11.74
N ALA D 149 28.19 5.76 -11.31
CA ALA D 149 28.65 6.94 -12.03
C ALA D 149 30.18 6.98 -12.02
N GLY D 150 30.78 6.05 -11.29
CA GLY D 150 32.22 5.84 -11.21
C GLY D 150 32.67 4.68 -12.08
N LYS D 151 31.79 4.21 -12.99
CA LYS D 151 32.04 3.07 -13.91
C LYS D 151 31.41 3.31 -15.28
N VAL D 152 30.32 4.08 -15.31
CA VAL D 152 29.54 4.36 -16.52
C VAL D 152 29.27 5.87 -16.56
N ALA D 153 29.08 6.45 -17.75
CA ALA D 153 28.88 7.88 -17.90
C ALA D 153 27.42 8.30 -17.85
N TYR D 154 27.13 9.20 -16.91
CA TYR D 154 25.81 9.76 -16.72
C TYR D 154 25.92 11.30 -16.72
N PRO D 155 25.00 12.01 -17.42
CA PRO D 155 24.99 13.48 -17.35
C PRO D 155 24.67 13.99 -15.93
N LEU D 156 24.90 15.30 -15.70
CA LEU D 156 24.62 16.07 -14.47
C LEU D 156 25.53 15.77 -13.26
N VAL D 157 26.52 14.86 -13.40
CA VAL D 157 27.46 14.50 -12.33
C VAL D 157 28.92 14.44 -12.82
N ALA D 158 29.31 15.35 -13.75
CA ALA D 158 30.66 15.37 -14.34
C ALA D 158 31.81 15.37 -13.31
N ALA D 159 31.79 16.29 -12.33
CA ALA D 159 32.82 16.40 -11.28
C ALA D 159 32.78 15.22 -10.33
N TYR D 160 31.56 14.78 -9.95
CA TYR D 160 31.33 13.64 -9.09
C TYR D 160 31.92 12.38 -9.76
N SER D 161 31.57 12.16 -11.05
CA SER D 161 32.02 11.05 -11.89
C SER D 161 33.52 11.04 -12.03
N ALA D 162 34.15 12.23 -12.27
CA ALA D 162 35.60 12.34 -12.42
C ALA D 162 36.33 11.85 -11.16
N SER D 163 35.85 12.26 -9.95
CA SER D 163 36.42 11.83 -8.67
C SER D 163 36.17 10.36 -8.34
N LYS D 164 35.00 9.83 -8.70
CA LYS D 164 34.67 8.41 -8.49
C LYS D 164 35.46 7.50 -9.44
N PHE D 165 35.69 7.96 -10.69
CA PHE D 165 36.52 7.29 -11.69
C PHE D 165 37.99 7.35 -11.20
N ALA D 166 38.41 8.50 -10.58
CA ALA D 166 39.76 8.68 -10.02
C ALA D 166 40.01 7.66 -8.91
N LEU D 167 38.97 7.39 -8.08
CA LEU D 167 39.03 6.42 -6.99
C LEU D 167 39.39 5.07 -7.54
N ASP D 168 38.70 4.70 -8.64
CA ASP D 168 38.89 3.45 -9.36
C ASP D 168 40.33 3.35 -9.86
N GLY D 169 40.82 4.42 -10.49
CA GLY D 169 42.19 4.50 -10.99
C GLY D 169 43.26 4.16 -9.96
N PHE D 170 43.26 4.90 -8.84
CA PHE D 170 44.21 4.74 -7.75
C PHE D 170 44.08 3.46 -6.95
N PHE D 171 42.88 3.15 -6.43
CA PHE D 171 42.70 1.99 -5.55
C PHE D 171 42.91 0.66 -6.26
N SER D 172 42.37 0.50 -7.49
CA SER D 172 42.56 -0.71 -8.27
C SER D 172 44.05 -0.87 -8.64
N SER D 173 44.69 0.25 -9.01
CA SER D 173 46.12 0.32 -9.38
C SER D 173 47.02 -0.03 -8.18
N ILE D 174 46.74 0.53 -6.98
CA ILE D 174 47.53 0.23 -5.77
C ILE D 174 47.30 -1.22 -5.29
N ARG D 175 46.09 -1.81 -5.58
CA ARG D 175 45.76 -3.19 -5.22
C ARG D 175 46.70 -4.13 -5.97
N LYS D 176 46.97 -3.82 -7.27
CA LYS D 176 47.88 -4.58 -8.13
C LYS D 176 49.30 -4.53 -7.56
N GLU D 177 49.65 -3.39 -6.94
CA GLU D 177 50.95 -3.14 -6.28
C GLU D 177 51.09 -4.00 -5.02
N TYR D 178 50.02 -4.07 -4.21
CA TYR D 178 50.00 -4.86 -2.97
C TYR D 178 50.19 -6.36 -3.26
N SER D 179 49.73 -6.84 -4.43
CA SER D 179 49.91 -8.25 -4.83
C SER D 179 51.35 -8.53 -5.28
N VAL D 180 51.97 -7.60 -6.04
CA VAL D 180 53.34 -7.78 -6.51
C VAL D 180 54.37 -7.45 -5.42
N SER D 181 53.98 -6.66 -4.38
CA SER D 181 54.88 -6.32 -3.28
C SER D 181 54.61 -7.18 -2.02
N ARG D 182 53.66 -8.13 -2.14
CA ARG D 182 53.22 -9.07 -1.11
C ARG D 182 52.82 -8.35 0.19
N VAL D 183 51.90 -7.37 0.05
CA VAL D 183 51.34 -6.56 1.14
C VAL D 183 49.96 -7.17 1.43
N ASN D 184 49.72 -7.61 2.69
CA ASN D 184 48.46 -8.28 3.05
C ASN D 184 47.36 -7.31 3.54
N VAL D 185 47.00 -6.37 2.66
CA VAL D 185 45.93 -5.41 2.89
C VAL D 185 44.98 -5.47 1.69
N SER D 186 43.71 -5.81 1.96
CA SER D 186 42.70 -5.94 0.91
C SER D 186 42.02 -4.61 0.58
N ILE D 187 41.61 -4.45 -0.69
CA ILE D 187 40.93 -3.23 -1.15
C ILE D 187 39.62 -3.60 -1.77
N THR D 188 38.53 -3.01 -1.25
CA THR D 188 37.18 -3.21 -1.74
C THR D 188 36.64 -1.89 -2.31
N LEU D 189 36.33 -1.90 -3.62
CA LEU D 189 35.71 -0.76 -4.31
C LEU D 189 34.22 -1.08 -4.36
N CYS D 190 33.41 -0.22 -3.74
CA CYS D 190 31.96 -0.44 -3.68
C CYS D 190 31.23 0.38 -4.70
N VAL D 191 30.80 -0.26 -5.79
CA VAL D 191 30.06 0.35 -6.89
C VAL D 191 28.59 0.35 -6.48
N LEU D 192 28.06 1.52 -6.13
CA LEU D 192 26.66 1.60 -5.71
C LEU D 192 25.78 2.33 -6.69
N GLY D 193 24.56 1.86 -6.81
CA GLY D 193 23.52 2.51 -7.60
C GLY D 193 22.84 3.52 -6.70
N LEU D 194 21.64 3.98 -7.09
CA LEU D 194 20.85 4.93 -6.32
C LEU D 194 20.46 4.33 -4.95
N ILE D 195 20.73 5.07 -3.87
CA ILE D 195 20.44 4.62 -2.49
C ILE D 195 19.51 5.65 -1.86
N ASP D 196 18.47 5.17 -1.12
CA ASP D 196 17.42 6.00 -0.50
C ASP D 196 17.89 6.89 0.67
N THR D 197 19.04 7.57 0.55
CA THR D 197 19.49 8.51 1.58
C THR D 197 18.71 9.82 1.38
N GLU D 198 18.49 10.57 2.48
CA GLU D 198 17.79 11.86 2.48
C GLU D 198 18.40 12.81 1.43
N THR D 199 19.76 12.88 1.39
CA THR D 199 20.56 13.68 0.46
C THR D 199 20.25 13.35 -1.00
N ALA D 200 20.29 12.04 -1.36
CA ALA D 200 20.02 11.54 -2.70
C ALA D 200 18.58 11.76 -3.10
N MET D 201 17.64 11.45 -2.19
CA MET D 201 16.22 11.61 -2.44
C MET D 201 15.87 13.09 -2.72
N LYS D 202 16.49 14.03 -1.97
CA LYS D 202 16.29 15.46 -2.19
C LYS D 202 16.97 15.94 -3.49
N ALA D 203 18.16 15.41 -3.81
CA ALA D 203 18.92 15.80 -5.00
C ALA D 203 18.27 15.33 -6.32
N VAL D 204 17.72 14.10 -6.31
CA VAL D 204 17.08 13.46 -7.46
C VAL D 204 15.60 13.91 -7.61
N SER D 205 14.94 14.32 -6.50
CA SER D 205 13.54 14.75 -6.38
C SER D 205 12.85 15.20 -7.68
N GLY D 206 13.48 16.13 -8.41
CA GLY D 206 12.93 16.64 -9.65
C GLY D 206 13.24 15.85 -10.90
N ILE D 207 14.54 15.69 -11.22
CA ILE D 207 15.06 15.00 -12.39
C ILE D 207 14.72 13.51 -12.34
N VAL D 208 14.02 13.01 -13.40
CA VAL D 208 13.48 11.65 -13.62
C VAL D 208 14.04 10.61 -12.61
N HIS D 209 13.15 10.09 -11.75
CA HIS D 209 13.44 9.14 -10.68
C HIS D 209 13.52 7.69 -11.14
N MET D 210 14.45 6.94 -10.53
CA MET D 210 14.67 5.51 -10.70
C MET D 210 14.56 4.91 -9.30
N GLN D 211 14.03 3.69 -9.19
CA GLN D 211 13.84 2.99 -7.89
C GLN D 211 15.10 3.02 -7.01
N ALA D 212 14.96 3.59 -5.80
CA ALA D 212 16.05 3.70 -4.83
C ALA D 212 16.14 2.47 -3.93
N ALA D 213 17.35 1.95 -3.73
CA ALA D 213 17.63 0.78 -2.92
C ALA D 213 17.78 1.11 -1.42
N PRO D 214 17.46 0.16 -0.49
CA PRO D 214 17.59 0.47 0.95
C PRO D 214 19.02 0.74 1.40
N LYS D 215 19.20 1.80 2.20
CA LYS D 215 20.49 2.22 2.75
C LYS D 215 21.03 1.25 3.80
N GLU D 216 20.12 0.55 4.49
CA GLU D 216 20.39 -0.42 5.56
C GLU D 216 21.10 -1.64 4.97
N GLU D 217 20.52 -2.22 3.91
CA GLU D 217 21.07 -3.37 3.18
C GLU D 217 22.34 -2.94 2.43
N CYS D 218 22.39 -1.68 1.93
CA CYS D 218 23.56 -1.10 1.25
C CYS D 218 24.78 -1.09 2.19
N ALA D 219 24.61 -0.53 3.41
CA ALA D 219 25.62 -0.44 4.46
C ALA D 219 26.15 -1.82 4.92
N LEU D 220 25.27 -2.84 4.97
CA LEU D 220 25.66 -4.19 5.38
C LEU D 220 26.44 -4.89 4.26
N GLU D 221 26.00 -4.73 2.98
CA GLU D 221 26.70 -5.32 1.83
C GLU D 221 28.14 -4.77 1.70
N ILE D 222 28.32 -3.47 2.04
CA ILE D 222 29.64 -2.81 2.03
C ILE D 222 30.58 -3.48 3.06
N ILE D 223 30.12 -3.62 4.32
CA ILE D 223 30.87 -4.24 5.44
C ILE D 223 31.22 -5.70 5.10
N LYS D 224 30.26 -6.44 4.49
CA LYS D 224 30.42 -7.83 4.07
C LYS D 224 31.57 -7.96 3.09
N GLY D 225 31.56 -7.12 2.04
CA GLY D 225 32.60 -7.08 1.01
C GLY D 225 33.98 -6.86 1.60
N GLY D 226 34.07 -5.88 2.50
CA GLY D 226 35.29 -5.56 3.23
C GLY D 226 35.76 -6.75 4.06
N ALA D 227 34.81 -7.37 4.81
CA ALA D 227 35.06 -8.53 5.68
C ALA D 227 35.52 -9.76 4.89
N LEU D 228 34.98 -9.95 3.68
CA LEU D 228 35.31 -11.08 2.82
C LEU D 228 36.51 -10.83 1.90
N ARG D 229 37.10 -9.62 1.98
CA ARG D 229 38.26 -9.17 1.19
C ARG D 229 37.98 -9.18 -0.32
N GLN D 230 36.73 -8.84 -0.70
CA GLN D 230 36.25 -8.80 -2.09
C GLN D 230 36.82 -7.59 -2.78
N GLU D 231 37.29 -7.75 -4.03
CA GLU D 231 37.86 -6.63 -4.81
C GLU D 231 36.79 -5.58 -5.13
N GLU D 232 35.58 -6.02 -5.57
CA GLU D 232 34.46 -5.13 -5.86
C GLU D 232 33.11 -5.64 -5.36
N VAL D 233 32.27 -4.70 -4.89
CA VAL D 233 30.91 -4.92 -4.38
C VAL D 233 29.92 -4.09 -5.20
N TYR D 234 28.91 -4.76 -5.80
CA TYR D 234 27.90 -4.11 -6.62
C TYR D 234 26.56 -4.18 -5.93
N TYR D 235 25.91 -3.02 -5.76
CA TYR D 235 24.61 -2.92 -5.12
C TYR D 235 23.73 -1.90 -5.85
N ASP D 236 22.75 -2.39 -6.62
CA ASP D 236 21.78 -1.61 -7.39
C ASP D 236 20.41 -2.30 -7.33
N SER D 237 19.32 -1.52 -7.45
CA SER D 237 17.93 -1.99 -7.41
C SER D 237 17.54 -2.91 -8.59
N SER D 238 18.07 -2.63 -9.80
CA SER D 238 17.76 -3.41 -11.00
C SER D 238 18.64 -4.65 -11.08
N ARG D 239 18.03 -5.78 -11.51
CA ARG D 239 18.74 -7.05 -11.69
C ARG D 239 19.52 -7.05 -13.00
N TRP D 240 19.09 -6.20 -13.96
CA TRP D 240 19.73 -6.06 -15.28
C TRP D 240 21.07 -5.35 -15.17
N THR D 241 21.13 -4.22 -14.41
CA THR D 241 22.33 -3.43 -14.17
C THR D 241 23.46 -4.28 -13.56
N THR D 242 23.12 -5.15 -12.60
CA THR D 242 24.04 -6.07 -11.89
C THR D 242 24.70 -7.07 -12.87
N LEU D 243 23.99 -7.48 -13.93
CA LEU D 243 24.49 -8.42 -14.94
C LEU D 243 25.43 -7.73 -15.93
N LEU D 244 25.22 -6.42 -16.16
CA LEU D 244 26.00 -5.61 -17.11
C LEU D 244 27.12 -4.78 -16.48
N ILE D 245 27.12 -4.62 -15.16
CA ILE D 245 28.15 -3.82 -14.45
C ILE D 245 29.52 -4.51 -14.48
N ARG D 246 29.55 -5.85 -14.57
CA ARG D 246 30.78 -6.61 -14.62
C ARG D 246 31.50 -6.40 -15.98
N ASN D 247 32.83 -6.18 -15.92
CA ASN D 247 33.65 -5.94 -17.11
C ASN D 247 34.72 -7.03 -17.18
N PRO D 248 34.43 -8.15 -17.90
CA PRO D 248 35.42 -9.24 -18.00
C PRO D 248 36.67 -8.89 -18.78
N SER D 249 36.55 -8.11 -19.86
CA SER D 249 37.69 -7.74 -20.70
C SER D 249 38.71 -6.89 -19.93
N ARG D 250 38.24 -6.10 -18.96
CA ARG D 250 39.13 -5.32 -18.09
C ARG D 250 39.98 -6.28 -17.25
N LYS D 251 39.34 -7.32 -16.63
CA LYS D 251 40.03 -8.33 -15.83
C LYS D 251 41.06 -9.09 -16.64
N ILE D 252 40.72 -9.47 -17.89
CA ILE D 252 41.62 -10.16 -18.84
C ILE D 252 42.84 -9.24 -19.12
N LEU D 253 42.57 -7.96 -19.48
CA LEU D 253 43.58 -6.94 -19.74
C LEU D 253 44.48 -6.69 -18.53
N GLU D 254 43.96 -6.89 -17.31
CA GLU D 254 44.69 -6.74 -16.06
C GLU D 254 45.52 -7.97 -15.75
N GLU D 255 44.91 -9.16 -15.79
CA GLU D 255 45.54 -10.46 -15.56
C GLU D 255 46.58 -10.80 -16.65
N LEU D 256 46.50 -10.13 -17.83
CA LEU D 256 47.45 -10.30 -18.93
C LEU D 256 48.79 -9.66 -18.58
N TYR D 257 48.76 -8.35 -18.23
CA TYR D 257 49.94 -7.58 -17.82
C TYR D 257 50.48 -8.14 -16.51
N SER D 258 49.58 -8.68 -15.64
CA SER D 258 49.91 -9.31 -14.37
C SER D 258 50.59 -10.66 -14.65
N THR D 259 50.08 -11.77 -14.07
CA THR D 259 50.58 -13.16 -14.19
C THR D 259 52.09 -13.27 -13.76
N SER D 260 52.72 -12.14 -13.37
CA SER D 260 54.12 -12.00 -12.96
C SER D 260 54.24 -11.61 -11.49
PA NAP E . -19.66 11.34 7.58
O1A NAP E . -20.13 10.60 6.33
O2A NAP E . -20.81 12.20 8.16
O5B NAP E . -18.45 12.30 7.26
C5B NAP E . -17.26 11.79 6.71
C4B NAP E . -16.31 12.97 6.55
O4B NAP E . -15.16 12.49 5.82
C3B NAP E . -16.94 14.11 5.71
O3B NAP E . -16.44 15.38 6.13
C2B NAP E . -16.45 13.80 4.28
O2B NAP E . -16.43 15.00 3.50
C1B NAP E . -15.04 13.30 4.61
N9A NAP E . -14.48 12.48 3.53
C8A NAP E . -15.13 11.56 2.73
N7A NAP E . -14.30 11.03 1.86
C5A NAP E . -13.09 11.66 2.02
C6A NAP E . -11.84 11.59 1.38
N6A NAP E . -11.64 10.74 0.31
N1A NAP E . -10.87 12.42 1.78
C2A NAP E . -11.04 13.26 2.80
N3A NAP E . -12.17 13.33 3.47
C4A NAP E . -13.21 12.58 3.10
O3 NAP E . -19.13 10.30 8.68
PN NAP E . -19.50 10.04 10.21
O1N NAP E . -19.69 11.37 10.97
O2N NAP E . -20.80 9.23 10.22
O5D NAP E . -18.28 9.22 10.82
C5D NAP E . -17.04 9.86 11.11
C4D NAP E . -16.16 8.85 11.83
O4D NAP E . -16.86 8.17 12.89
C3D NAP E . -15.60 7.76 10.87
O3D NAP E . -14.21 7.52 11.16
C2D NAP E . -16.48 6.53 11.22
O2D NAP E . -15.84 5.30 10.91
C1D NAP E . -16.74 6.74 12.72
N1N NAP E . -17.97 6.03 13.15
C2N NAP E . -19.17 6.43 12.74
C3N NAP E . -20.31 5.68 13.07
C7N NAP E . -21.69 6.08 12.68
O7N NAP E . -22.60 5.32 12.94
N7N NAP E . -21.95 7.29 12.13
C4N NAP E . -20.14 4.53 13.86
C5N NAP E . -18.87 4.18 14.32
C6N NAP E . -17.79 4.94 13.91
P2B NAP E . -16.25 15.01 1.91
O1X NAP E . -14.78 14.68 1.55
O2X NAP E . -17.19 13.97 1.23
O3X NAP E . -16.57 16.46 1.40
C1 DZL F . -23.20 -1.41 16.70
C2 DZL F . -21.88 -1.84 16.15
C3 DZL F . -21.60 -1.24 14.86
N4 DZL F . -21.99 -1.77 13.72
C5 DZL F . -21.55 -1.00 12.67
C6 DZL F . -20.84 0.14 13.04
S7 DZL F . -20.72 0.22 14.77
C8 DZL F . -20.26 1.17 12.23
O9 DZL F . -19.16 1.64 12.41
N10 DZL F . -21.09 1.58 11.20
C11 DZL F . -20.72 2.62 10.27
C12 DZL F . -21.96 3.47 9.94
C13 DZL F . -22.95 2.63 9.11
C14 DZL F . -22.29 2.14 7.81
C15 DZL F . -21.02 1.30 8.09
C16 DZL F . -20.04 2.10 8.97
C17 DZL F . -19.60 3.32 8.15
C18 DZL F . -20.84 4.15 7.78
C19 DZL F . -21.86 3.35 6.97
C20 DZL F . -21.50 4.66 9.08
O21 DZL F . -20.45 5.24 6.96
C22 DZL F . -21.89 -1.45 11.30
C23 DZL F . -22.26 -2.91 11.18
C24 DZL F . -23.74 -2.94 10.98
C25 DZL F . -24.12 -1.51 10.64
O26 DZL F . -22.97 -0.67 10.80
PA NAP G . 10.01 -17.03 7.31
O1A NAP G . 10.85 -15.76 7.27
O2A NAP G . 10.75 -18.27 7.81
O5B NAP G . 9.41 -17.28 5.87
C5B NAP G . 8.70 -16.25 5.19
C4B NAP G . 8.27 -16.85 3.87
O4B NAP G . 7.62 -15.83 3.09
C3B NAP G . 9.44 -17.43 3.04
O3B NAP G . 8.96 -18.54 2.28
C2B NAP G . 9.76 -16.25 2.13
O2B NAP G . 10.51 -16.71 1.00
C1B NAP G . 8.33 -15.74 1.82
N9A NAP G . 8.27 -14.35 1.35
C8A NAP G . 8.97 -13.27 1.82
N7A NAP G . 8.66 -12.20 1.14
C5A NAP G . 7.77 -12.54 0.16
C6A NAP G . 7.10 -11.85 -0.87
N6A NAP G . 7.32 -10.51 -1.09
N1A NAP G . 6.33 -12.54 -1.72
C2A NAP G . 6.07 -13.83 -1.52
N3A NAP G . 6.64 -14.51 -0.54
C4A NAP G . 7.49 -13.92 0.31
O3 NAP G . 8.72 -16.77 8.24
PN NAP G . 8.06 -17.46 9.52
O1N NAP G . 8.02 -18.98 9.38
O2N NAP G . 8.76 -16.99 10.82
O5D NAP G . 6.56 -16.89 9.56
C5D NAP G . 5.48 -17.45 8.82
C4D NAP G . 4.19 -16.81 9.34
O4D NAP G . 4.04 -17.00 10.77
C3D NAP G . 4.08 -15.28 9.07
O3D NAP G . 2.74 -14.97 8.64
C2D NAP G . 4.40 -14.64 10.45
O2D NAP G . 3.79 -13.34 10.62
C1D NAP G . 3.80 -15.71 11.37
N1N NAP G . 4.37 -15.64 12.72
C2N NAP G . 5.66 -15.98 12.92
C3N NAP G . 6.19 -15.92 14.22
C7N NAP G . 7.61 -16.27 14.55
O7N NAP G . 8.05 -15.97 15.64
N7N NAP G . 8.42 -16.88 13.65
C4N NAP G . 5.33 -15.48 15.25
C5N NAP G . 4.00 -15.15 15.00
C6N NAP G . 3.55 -15.25 13.70
P2B NAP G . 11.17 -15.72 -0.07
O1X NAP G . 10.08 -15.00 -0.90
O2X NAP G . 12.00 -14.63 0.73
O3X NAP G . 12.11 -16.54 -0.99
C1 DZL H . 4.41 -13.51 21.79
C2 DZL H . 4.09 -12.10 21.36
C3 DZL H . 4.73 -11.77 20.08
N4 DZL H . 5.57 -10.77 19.97
C5 DZL H . 6.02 -10.66 18.67
C6 DZL H . 5.49 -11.62 17.81
S7 DZL H . 4.41 -12.66 18.64
C8 DZL H . 5.69 -11.84 16.40
O9 DZL H . 4.77 -12.07 15.63
N10 DZL H . 7.01 -11.74 16.02
C11 DZL H . 7.51 -11.90 14.69
C12 DZL H . 8.88 -12.59 14.68
C13 DZL H . 9.96 -11.64 15.23
C14 DZL H . 10.03 -10.35 14.40
C15 DZL H . 8.66 -9.64 14.41
C16 DZL H . 7.56 -10.58 13.88
C17 DZL H . 7.93 -10.91 12.42
C18 DZL H . 9.29 -11.63 12.38
C19 DZL H . 10.39 -10.72 12.94
C20 DZL H . 9.22 -12.93 13.22
O21 DZL H . 9.59 -11.93 11.02
C22 DZL H . 6.99 -9.56 18.36
C23 DZL H . 7.21 -8.54 19.46
C24 DZL H . 8.63 -8.76 19.91
C25 DZL H . 9.15 -9.93 19.10
O26 DZL H . 8.27 -10.08 18.00
PA NAP I . -15.72 -5.49 -21.63
O1A NAP I . -14.85 -6.37 -22.56
O2A NAP I . -15.39 -5.74 -20.13
O5B NAP I . -17.26 -5.80 -21.90
C5B NAP I . -17.79 -5.57 -23.20
C4B NAP I . -19.28 -5.90 -23.19
O4B NAP I . -19.80 -5.85 -24.53
C3B NAP I . -19.56 -7.30 -22.61
O3B NAP I . -20.72 -7.26 -21.77
C2B NAP I . -19.75 -8.13 -23.88
O2B NAP I . -20.53 -9.33 -23.62
C1B NAP I . -20.43 -7.12 -24.82
N9A NAP I . -20.27 -7.46 -26.25
C8A NAP I . -19.15 -7.95 -26.89
N7A NAP I . -19.41 -8.17 -28.14
C5A NAP I . -20.71 -7.85 -28.39
C6A NAP I . -21.57 -7.90 -29.52
N6A NAP I . -21.13 -8.35 -30.75
N1A NAP I . -22.84 -7.53 -29.37
C2A NAP I . -23.30 -7.10 -28.21
N3A NAP I . -22.53 -7.02 -27.14
C4A NAP I . -21.26 -7.38 -27.18
O3 NAP I . -15.53 -3.94 -21.97
PN NAP I . -14.96 -2.70 -21.11
O1N NAP I . -15.68 -2.71 -19.74
O2N NAP I . -13.45 -2.86 -21.00
O5D NAP I . -15.36 -1.40 -21.94
C5D NAP I . -16.71 -1.00 -22.16
C4D NAP I . -16.65 0.39 -22.80
O4D NAP I . -15.62 1.24 -22.20
C3D NAP I . -16.35 0.33 -24.32
O3D NAP I . -17.09 1.32 -25.02
C2D NAP I . -14.86 0.70 -24.41
O2D NAP I . -14.62 1.25 -25.69
C1D NAP I . -14.76 1.73 -23.25
N1N NAP I . -13.36 1.93 -22.82
C2N NAP I . -12.71 0.99 -22.12
C3N NAP I . -11.38 1.17 -21.75
C7N NAP I . -10.65 0.13 -20.98
O7N NAP I . -9.44 0.21 -20.82
N7N NAP I . -11.33 -0.91 -20.44
C4N NAP I . -10.74 2.37 -22.12
C5N NAP I . -11.46 3.34 -22.82
C6N NAP I . -12.77 3.09 -23.16
P2B NAP I . -20.53 -10.60 -24.60
O1X NAP I . -21.47 -10.16 -25.75
O2X NAP I . -19.09 -10.97 -25.13
O3X NAP I . -21.12 -11.85 -23.88
C1 DZL J . -4.02 6.39 -23.45
C2 DZL J . -5.50 6.44 -23.71
C3 DZL J . -6.03 5.20 -24.30
N4 DZL J . -5.34 4.34 -25.03
C5 DZL J . -6.13 3.29 -25.43
C6 DZL J . -7.44 3.34 -24.98
S7 DZL J . -7.67 4.77 -24.05
C8 DZL J . -8.54 2.43 -25.17
O9 DZL J . -9.69 2.81 -25.32
N10 DZL J . -8.17 1.10 -25.16
C11 DZL J . -9.10 -0.01 -25.18
C12 DZL J . -8.77 -1.06 -24.10
C13 DZL J . -7.45 -1.78 -24.44
C14 DZL J . -7.53 -2.45 -25.82
C15 DZL J . -7.85 -1.38 -26.88
C16 DZL J . -9.18 -0.68 -26.56
C17 DZL J . -10.31 -1.72 -26.54
C18 DZL J . -10.02 -2.77 -25.46
C19 DZL J . -8.69 -3.47 -25.81
C20 DZL J . -9.90 -2.10 -24.09
O21 DZL J . -11.07 -3.74 -25.42
C22 DZL J . -5.49 2.24 -26.25
C23 DZL J . -4.27 2.70 -27.02
C24 DZL J . -3.12 1.88 -26.51
C25 DZL J . -3.68 1.07 -25.37
O26 DZL J . -5.09 1.12 -25.43
PA NAP K . 25.11 11.60 3.00
O1A NAP K . 24.85 12.99 2.36
O2A NAP K . 23.82 10.99 3.59
O5B NAP K . 26.23 11.79 4.13
C5B NAP K . 27.51 12.30 3.72
C4B NAP K . 28.49 12.37 4.89
O4B NAP K . 29.68 13.10 4.49
C3B NAP K . 27.86 13.11 6.09
O3B NAP K . 28.13 12.37 7.28
C2B NAP K . 28.57 14.49 6.07
O2B NAP K . 28.68 15.03 7.40
C1B NAP K . 29.95 14.11 5.47
N9A NAP K . 30.67 15.24 4.89
C8A NAP K . 30.22 16.20 4.02
N7A NAP K . 31.16 17.04 3.74
C5A NAP K . 32.29 16.69 4.40
C6A NAP K . 33.61 17.20 4.50
N6A NAP K . 33.98 18.35 3.82
N1A NAP K . 34.47 16.58 5.31
C2A NAP K . 34.13 15.49 5.99
N3A NAP K . 32.94 14.96 5.90
C4A NAP K . 31.99 15.52 5.14
O3 NAP K . 25.66 10.64 1.84
PN NAP K . 25.35 9.15 1.34
O1N NAP K . 25.11 8.20 2.54
O2N NAP K . 24.14 9.18 0.39
O5D NAP K . 26.65 8.65 0.53
C5D NAP K . 27.80 8.05 1.11
C4D NAP K . 28.69 7.45 0.01
O4D NAP K . 27.96 6.62 -0.94
C3D NAP K . 29.40 8.56 -0.82
O3D NAP K . 30.76 8.20 -1.10
C2D NAP K . 28.52 8.61 -2.10
O2D NAP K . 29.20 9.17 -3.21
C1D NAP K . 28.16 7.12 -2.28
N1N NAP K . 26.97 6.94 -3.15
C2N NAP K . 25.75 7.29 -2.73
C3N NAP K . 24.62 7.15 -3.58
C7N NAP K . 23.26 7.48 -3.10
O7N NAP K . 22.35 7.60 -3.91
N7N NAP K . 23.02 7.61 -1.77
C4N NAP K . 24.82 6.64 -4.87
C5N NAP K . 26.11 6.29 -5.27
C6N NAP K . 27.16 6.45 -4.37
P2B NAP K . 28.96 16.58 7.73
O1X NAP K . 30.46 16.88 7.44
O2X NAP K . 28.07 17.50 6.84
O3X NAP K . 28.70 16.82 9.25
#